data_8RHX
#
_entry.id   8RHX
#
_cell.length_a   74.097
_cell.length_b   89.431
_cell.length_c   84.074
_cell.angle_alpha   90.00
_cell.angle_beta   115.95
_cell.angle_gamma   90.00
#
_symmetry.space_group_name_H-M   'P 1 21 1'
#
loop_
_entity.id
_entity.type
_entity.pdbx_description
1 polymer 'Pteridine reductase'
2 non-polymer 'NADPH DIHYDRO-NICOTINAMIDE-ADENINE-DINUCLEOTIDE PHOSPHATE'
3 non-polymer 1-[4,6-bis(chloranyl)-1~{H}-benzimidazol-2-yl]guanidine
4 non-polymer 'ACETATE ION'
5 water water
#
_entity_poly.entity_id   1
_entity_poly.type   'polypeptide(L)'
_entity_poly.pdbx_seq_one_letter_code
;MGSSHHHHHHSSGLVPRGSHMMEAPAAVVTGAAKRIGRAIAVKLHQTGYRVVIHYHNSAEAAVSLADELNKERSNTAVVC
QADLTNSNVLPASCEEIINSCFRAFGRCDVLVNNASAFYPTPLVQGDHEDNSNGKTVETQVAELIGTNAIAPFLLTMSFA
QRQKGTNPNCTSSNLSIVNLCDAMVDQPCMAFSLYNMGKHALVGLTQSAALELAPYGIRVNGVAPGVSLLPVAMGEEEKD
KWRRKVPLGRREASAEQIADAVIFLVSGSAQYITGSIIKVDGGLSLVHA
;
_entity_poly.pdbx_strand_id   A,B,C,D
#
loop_
_chem_comp.id
_chem_comp.type
_chem_comp.name
_chem_comp.formula
A1H0T non-polymer 1-[4,6-bis(chloranyl)-1~{H}-benzimidazol-2-yl]guanidine 'C8 H7 Cl2 N5'
ACT non-polymer 'ACETATE ION' 'C2 H3 O2 -1'
NDP non-polymer 'NADPH DIHYDRO-NICOTINAMIDE-ADENINE-DINUCLEOTIDE PHOSPHATE' 'C21 H30 N7 O17 P3'
#
# COMPACT_ATOMS: atom_id res chain seq x y z
N GLU A 23 -18.44 -28.77 -22.99
CA GLU A 23 -18.79 -27.56 -23.79
C GLU A 23 -18.02 -26.35 -23.24
N ALA A 24 -18.00 -25.28 -24.05
CA ALA A 24 -17.06 -24.19 -23.87
C ALA A 24 -17.58 -23.18 -22.85
N PRO A 25 -16.74 -22.69 -21.92
CA PRO A 25 -17.15 -21.60 -21.03
C PRO A 25 -17.35 -20.33 -21.85
N ALA A 26 -18.03 -19.34 -21.24
CA ALA A 26 -18.35 -18.09 -21.91
C ALA A 26 -17.85 -16.91 -21.06
N ALA A 27 -17.43 -15.83 -21.74
CA ALA A 27 -16.94 -14.62 -21.06
C ALA A 27 -17.63 -13.37 -21.61
N VAL A 28 -17.83 -12.40 -20.73
CA VAL A 28 -18.24 -11.05 -21.11
C VAL A 28 -17.00 -10.18 -20.99
N VAL A 29 -16.67 -9.46 -22.06
CA VAL A 29 -15.63 -8.44 -21.98
C VAL A 29 -16.28 -7.08 -22.28
N THR A 30 -16.18 -6.11 -21.36
CA THR A 30 -16.78 -4.82 -21.66
C THR A 30 -15.78 -3.98 -22.46
N GLY A 31 -16.33 -3.10 -23.31
CA GLY A 31 -15.51 -2.26 -24.16
C GLY A 31 -14.50 -3.06 -24.97
N ALA A 32 -15.00 -4.12 -25.66
CA ALA A 32 -14.16 -5.13 -26.26
C ALA A 32 -13.95 -4.93 -27.77
N ALA A 33 -14.46 -3.82 -28.32
CA ALA A 33 -14.35 -3.68 -29.78
C ALA A 33 -12.92 -3.41 -30.22
N LYS A 34 -12.12 -2.74 -29.37
CA LYS A 34 -10.83 -2.26 -29.82
C LYS A 34 -9.79 -2.40 -28.71
N ARG A 35 -8.51 -2.20 -29.07
CA ARG A 35 -7.48 -1.93 -28.08
C ARG A 35 -7.39 -3.09 -27.07
N ILE A 36 -7.28 -2.76 -25.78
CA ILE A 36 -6.98 -3.81 -24.80
C ILE A 36 -8.18 -4.76 -24.66
N GLY A 37 -9.41 -4.23 -24.74
CA GLY A 37 -10.56 -5.13 -24.62
C GLY A 37 -10.64 -6.14 -25.77
N ARG A 38 -10.32 -5.70 -26.97
CA ARG A 38 -10.29 -6.63 -28.09
C ARG A 38 -9.21 -7.69 -27.84
N ALA A 39 -8.03 -7.27 -27.35
CA ALA A 39 -6.97 -8.23 -27.14
C ALA A 39 -7.38 -9.30 -26.13
N ILE A 40 -8.07 -8.88 -25.06
CA ILE A 40 -8.56 -9.81 -24.06
C ILE A 40 -9.62 -10.75 -24.67
N ALA A 41 -10.57 -10.19 -25.44
CA ALA A 41 -11.58 -11.01 -26.10
C ALA A 41 -10.93 -12.06 -27.00
N VAL A 42 -9.96 -11.63 -27.81
CA VAL A 42 -9.31 -12.54 -28.73
C VAL A 42 -8.57 -13.63 -27.98
N LYS A 43 -7.84 -13.26 -26.91
CA LYS A 43 -7.05 -14.25 -26.22
C LYS A 43 -7.96 -15.23 -25.48
N LEU A 44 -9.06 -14.74 -24.89
CA LEU A 44 -10.04 -15.65 -24.30
C LEU A 44 -10.58 -16.62 -25.38
N HIS A 45 -10.93 -16.07 -26.54
CA HIS A 45 -11.52 -16.90 -27.58
C HIS A 45 -10.52 -17.95 -28.04
N GLN A 46 -9.24 -17.57 -28.19
CA GLN A 46 -8.19 -18.50 -28.61
C GLN A 46 -7.97 -19.60 -27.57
N THR A 47 -8.28 -19.31 -26.30
CA THR A 47 -8.13 -20.26 -25.21
C THR A 47 -9.32 -21.21 -25.17
N GLY A 48 -10.38 -20.89 -25.93
CA GLY A 48 -11.54 -21.78 -26.02
C GLY A 48 -12.83 -21.19 -25.47
N TYR A 49 -12.83 -19.90 -25.08
CA TYR A 49 -14.05 -19.27 -24.59
C TYR A 49 -14.93 -18.78 -25.74
N ARG A 50 -16.25 -18.85 -25.50
CA ARG A 50 -17.24 -18.10 -26.24
C ARG A 50 -17.30 -16.71 -25.62
N VAL A 51 -17.51 -15.68 -26.44
CA VAL A 51 -17.35 -14.32 -25.92
C VAL A 51 -18.53 -13.42 -26.28
N VAL A 52 -18.93 -12.58 -25.32
CA VAL A 52 -19.76 -11.42 -25.56
C VAL A 52 -18.86 -10.20 -25.69
N ILE A 53 -18.89 -9.54 -26.86
CA ILE A 53 -18.15 -8.32 -27.10
C ILE A 53 -19.09 -7.16 -26.82
N HIS A 54 -18.99 -6.57 -25.63
CA HIS A 54 -19.75 -5.37 -25.32
C HIS A 54 -19.09 -4.17 -25.98
N TYR A 55 -19.95 -3.23 -26.43
CA TYR A 55 -19.45 -1.96 -26.95
C TYR A 55 -20.50 -0.90 -26.66
N HIS A 56 -20.07 0.34 -26.86
CA HIS A 56 -20.96 1.49 -26.70
C HIS A 56 -21.15 2.15 -28.06
N ASN A 57 -20.11 2.83 -28.56
CA ASN A 57 -20.19 3.55 -29.82
C ASN A 57 -19.57 2.77 -30.97
N SER A 58 -18.69 1.80 -30.72
CA SER A 58 -17.89 1.21 -31.77
C SER A 58 -18.58 -0.01 -32.39
N ALA A 59 -19.73 0.23 -33.02
CA ALA A 59 -20.56 -0.86 -33.52
C ALA A 59 -19.88 -1.61 -34.66
N GLU A 60 -19.31 -0.87 -35.61
CA GLU A 60 -18.70 -1.48 -36.79
C GLU A 60 -17.52 -2.35 -36.34
N ALA A 61 -16.71 -1.81 -35.42
CA ALA A 61 -15.55 -2.56 -34.95
C ALA A 61 -15.98 -3.81 -34.17
N ALA A 62 -17.04 -3.68 -33.36
CA ALA A 62 -17.50 -4.80 -32.55
C ALA A 62 -17.96 -5.95 -33.45
N VAL A 63 -18.72 -5.60 -34.48
CA VAL A 63 -19.29 -6.61 -35.36
C VAL A 63 -18.18 -7.25 -36.19
N SER A 64 -17.21 -6.42 -36.62
CA SER A 64 -16.06 -6.93 -37.35
C SER A 64 -15.31 -7.97 -36.52
N LEU A 65 -15.10 -7.67 -35.23
CA LEU A 65 -14.41 -8.62 -34.37
C LEU A 65 -15.23 -9.91 -34.21
N ALA A 66 -16.54 -9.80 -33.96
CA ALA A 66 -17.40 -10.97 -33.76
C ALA A 66 -17.38 -11.87 -35.01
N ASP A 67 -17.36 -11.23 -36.19
CA ASP A 67 -17.32 -11.94 -37.46
C ASP A 67 -16.03 -12.76 -37.59
N GLU A 68 -14.89 -12.14 -37.29
CA GLU A 68 -13.61 -12.85 -37.32
C GLU A 68 -13.64 -14.05 -36.38
N LEU A 69 -14.19 -13.86 -35.18
CA LEU A 69 -14.16 -14.92 -34.20
C LEU A 69 -15.09 -16.06 -34.60
N ASN A 70 -16.24 -15.70 -35.20
CA ASN A 70 -17.20 -16.70 -35.63
C ASN A 70 -16.67 -17.47 -36.84
N LYS A 71 -15.80 -16.84 -37.63
CA LYS A 71 -15.17 -17.48 -38.78
CA LYS A 71 -15.21 -17.52 -38.78
C LYS A 71 -14.21 -18.57 -38.30
N GLU A 72 -13.61 -18.36 -37.13
CA GLU A 72 -12.67 -19.32 -36.56
C GLU A 72 -13.43 -20.48 -35.95
N ARG A 73 -14.53 -20.19 -35.25
CA ARG A 73 -15.38 -21.20 -34.66
C ARG A 73 -16.81 -20.66 -34.64
N SER A 74 -17.71 -21.31 -35.40
CA SER A 74 -19.04 -20.78 -35.60
C SER A 74 -19.77 -20.70 -34.27
N ASN A 75 -20.59 -19.65 -34.11
CA ASN A 75 -21.47 -19.49 -32.97
C ASN A 75 -20.69 -19.34 -31.67
N THR A 76 -19.58 -18.59 -31.71
CA THR A 76 -18.79 -18.45 -30.50
C THR A 76 -18.64 -17.00 -30.05
N ALA A 77 -19.21 -16.05 -30.81
CA ALA A 77 -19.08 -14.64 -30.46
C ALA A 77 -20.40 -13.91 -30.76
N VAL A 78 -20.82 -13.04 -29.83
CA VAL A 78 -21.93 -12.13 -30.04
C VAL A 78 -21.51 -10.73 -29.58
N VAL A 79 -22.24 -9.72 -30.04
CA VAL A 79 -22.03 -8.34 -29.62
C VAL A 79 -23.18 -7.92 -28.71
N CYS A 80 -22.90 -6.92 -27.86
CA CYS A 80 -23.94 -6.40 -26.98
C CYS A 80 -23.70 -4.93 -26.75
N GLN A 81 -24.67 -4.07 -27.10
CA GLN A 81 -24.46 -2.64 -26.97
C GLN A 81 -25.01 -2.17 -25.63
N ALA A 82 -24.22 -1.32 -24.94
CA ALA A 82 -24.73 -0.67 -23.74
C ALA A 82 -23.90 0.56 -23.39
N ASP A 83 -24.58 1.62 -22.96
CA ASP A 83 -23.94 2.75 -22.31
C ASP A 83 -23.73 2.42 -20.83
N LEU A 84 -22.49 2.60 -20.34
CA LEU A 84 -22.14 2.31 -18.95
C LEU A 84 -21.99 3.58 -18.11
N THR A 85 -22.44 4.72 -18.64
CA THR A 85 -22.59 5.96 -17.87
C THR A 85 -23.51 5.72 -16.68
N ASN A 86 -23.15 6.30 -15.52
CA ASN A 86 -24.03 6.19 -14.38
C ASN A 86 -25.38 6.87 -14.67
N SER A 87 -26.44 6.20 -14.23
CA SER A 87 -27.81 6.71 -14.28
C SER A 87 -28.69 5.75 -13.50
N ASN A 88 -29.98 6.11 -13.37
CA ASN A 88 -30.89 5.24 -12.63
C ASN A 88 -31.26 3.98 -13.42
N VAL A 89 -30.87 3.90 -14.69
CA VAL A 89 -31.12 2.69 -15.45
CA VAL A 89 -31.10 2.76 -15.55
C VAL A 89 -29.84 1.90 -15.67
N LEU A 90 -28.70 2.37 -15.14
CA LEU A 90 -27.47 1.60 -15.32
C LEU A 90 -27.63 0.20 -14.75
N PRO A 91 -28.29 -0.06 -13.58
CA PRO A 91 -28.48 -1.43 -13.12
C PRO A 91 -29.16 -2.36 -14.13
N ALA A 92 -30.16 -1.82 -14.83
CA ALA A 92 -30.84 -2.61 -15.85
C ALA A 92 -29.93 -2.92 -17.04
N SER A 93 -29.11 -1.95 -17.47
CA SER A 93 -28.19 -2.14 -18.57
C SER A 93 -27.18 -3.22 -18.23
N CYS A 94 -26.70 -3.19 -16.98
CA CYS A 94 -25.70 -4.17 -16.57
C CYS A 94 -26.30 -5.57 -16.49
N GLU A 95 -27.52 -5.66 -15.94
CA GLU A 95 -28.23 -6.92 -15.90
C GLU A 95 -28.41 -7.45 -17.32
N GLU A 96 -28.68 -6.55 -18.27
CA GLU A 96 -28.90 -6.94 -19.65
C GLU A 96 -27.64 -7.49 -20.33
N ILE A 97 -26.46 -6.91 -20.02
CA ILE A 97 -25.22 -7.43 -20.57
C ILE A 97 -25.03 -8.88 -20.11
N ILE A 98 -25.22 -9.14 -18.80
CA ILE A 98 -25.04 -10.50 -18.32
C ILE A 98 -26.09 -11.41 -18.97
N ASN A 99 -27.33 -10.92 -19.06
CA ASN A 99 -28.40 -11.68 -19.67
C ASN A 99 -28.02 -12.09 -21.09
N SER A 100 -27.32 -11.20 -21.83
CA SER A 100 -27.00 -11.46 -23.23
CA SER A 100 -26.97 -11.44 -23.23
C SER A 100 -26.03 -12.64 -23.36
N CYS A 101 -25.15 -12.81 -22.36
CA CYS A 101 -24.27 -13.96 -22.32
C CYS A 101 -25.08 -15.25 -22.13
N PHE A 102 -26.05 -15.21 -21.22
CA PHE A 102 -26.86 -16.38 -20.95
C PHE A 102 -27.75 -16.71 -22.15
N ARG A 103 -28.28 -15.68 -22.82
CA ARG A 103 -29.13 -15.89 -23.98
CA ARG A 103 -29.13 -15.86 -23.99
C ARG A 103 -28.34 -16.58 -25.09
N ALA A 104 -27.09 -16.13 -25.30
CA ALA A 104 -26.30 -16.64 -26.42
C ALA A 104 -25.71 -18.02 -26.10
N PHE A 105 -25.24 -18.21 -24.86
CA PHE A 105 -24.33 -19.33 -24.60
C PHE A 105 -24.81 -20.20 -23.45
N GLY A 106 -25.83 -19.75 -22.73
CA GLY A 106 -26.43 -20.54 -21.66
C GLY A 106 -25.63 -20.57 -20.36
N ARG A 107 -24.59 -19.72 -20.28
CA ARG A 107 -23.77 -19.70 -19.07
C ARG A 107 -22.89 -18.45 -19.16
N CYS A 108 -22.30 -18.06 -18.02
CA CYS A 108 -21.39 -16.94 -18.01
C CYS A 108 -20.34 -17.22 -16.92
N ASP A 109 -19.11 -17.52 -17.37
CA ASP A 109 -18.07 -18.02 -16.49
C ASP A 109 -17.11 -16.92 -16.04
N VAL A 110 -16.88 -15.96 -16.94
CA VAL A 110 -15.88 -14.92 -16.72
C VAL A 110 -16.48 -13.57 -17.10
N LEU A 111 -16.23 -12.56 -16.25
CA LEU A 111 -16.54 -11.17 -16.54
C LEU A 111 -15.24 -10.38 -16.49
N VAL A 112 -14.94 -9.65 -17.58
CA VAL A 112 -13.81 -8.73 -17.58
C VAL A 112 -14.34 -7.30 -17.69
N ASN A 113 -14.10 -6.52 -16.63
CA ASN A 113 -14.52 -5.12 -16.59
C ASN A 113 -13.40 -4.25 -17.14
N ASN A 114 -13.47 -3.99 -18.46
CA ASN A 114 -12.44 -3.29 -19.22
C ASN A 114 -12.89 -1.89 -19.63
N ALA A 115 -14.17 -1.72 -19.97
CA ALA A 115 -14.65 -0.43 -20.49
C ALA A 115 -14.30 0.71 -19.54
N SER A 116 -13.89 1.85 -20.11
CA SER A 116 -13.44 2.94 -19.24
C SER A 116 -13.44 4.28 -19.97
N ALA A 117 -14.04 5.29 -19.34
CA ALA A 117 -13.81 6.67 -19.75
C ALA A 117 -12.54 7.21 -19.11
N PHE A 118 -11.81 8.03 -19.87
CA PHE A 118 -10.56 8.57 -19.39
C PHE A 118 -10.31 9.93 -20.02
N TYR A 119 -10.42 10.97 -19.20
CA TYR A 119 -10.20 12.32 -19.67
C TYR A 119 -10.04 13.22 -18.45
N PRO A 120 -9.38 14.38 -18.58
CA PRO A 120 -9.18 15.25 -17.42
C PRO A 120 -10.44 15.97 -16.97
N THR A 121 -10.52 16.17 -15.65
CA THR A 121 -11.61 16.90 -15.01
C THR A 121 -10.98 17.86 -14.01
N PRO A 122 -10.42 19.00 -14.47
CA PRO A 122 -9.73 19.93 -13.58
C PRO A 122 -10.64 20.42 -12.44
N LEU A 123 -10.03 20.61 -11.27
CA LEU A 123 -10.77 21.08 -10.10
C LEU A 123 -11.05 22.58 -10.21
N VAL A 124 -10.14 23.32 -10.85
CA VAL A 124 -10.21 24.77 -10.95
C VAL A 124 -10.35 25.16 -12.43
N GLN A 125 -11.21 26.15 -12.69
CA GLN A 125 -11.42 26.67 -14.04
C GLN A 125 -10.84 28.09 -14.11
N GLY A 134 -18.31 21.01 -24.42
CA GLY A 134 -17.85 20.83 -23.04
C GLY A 134 -18.91 20.16 -22.18
N LYS A 135 -18.55 19.04 -21.55
CA LYS A 135 -19.44 18.26 -20.71
C LYS A 135 -19.67 18.97 -19.40
N THR A 136 -20.89 18.86 -18.86
CA THR A 136 -21.19 19.39 -17.54
C THR A 136 -20.45 18.52 -16.52
N VAL A 137 -20.29 19.06 -15.30
CA VAL A 137 -19.66 18.30 -14.23
C VAL A 137 -20.51 17.08 -13.91
N GLU A 138 -21.83 17.19 -14.06
CA GLU A 138 -22.74 16.07 -13.81
C GLU A 138 -22.39 14.91 -14.76
N THR A 139 -22.17 15.23 -16.03
CA THR A 139 -21.84 14.26 -17.06
C THR A 139 -20.48 13.63 -16.75
N GLN A 140 -19.52 14.47 -16.35
CA GLN A 140 -18.16 14.04 -16.04
CA GLN A 140 -18.19 13.93 -16.14
C GLN A 140 -18.21 12.96 -14.97
N VAL A 141 -18.94 13.26 -13.89
CA VAL A 141 -19.08 12.32 -12.80
C VAL A 141 -19.74 11.04 -13.31
N ALA A 142 -20.84 11.20 -14.07
CA ALA A 142 -21.58 10.04 -14.50
C ALA A 142 -20.73 9.11 -15.38
N GLU A 143 -19.98 9.68 -16.32
CA GLU A 143 -19.16 8.88 -17.22
C GLU A 143 -17.98 8.24 -16.49
N LEU A 144 -17.24 9.05 -15.70
CA LEU A 144 -15.96 8.57 -15.18
C LEU A 144 -16.18 7.63 -14.00
N ILE A 145 -17.14 7.96 -13.14
CA ILE A 145 -17.45 7.06 -12.03
C ILE A 145 -18.33 5.90 -12.48
N GLY A 146 -19.22 6.14 -13.46
CA GLY A 146 -20.05 5.06 -13.98
C GLY A 146 -19.21 3.97 -14.63
N THR A 147 -18.36 4.35 -15.59
CA THR A 147 -17.68 3.31 -16.36
C THR A 147 -16.65 2.60 -15.51
N ASN A 148 -15.93 3.37 -14.66
CA ASN A 148 -14.75 2.81 -14.03
C ASN A 148 -15.09 2.06 -12.73
N ALA A 149 -16.26 2.34 -12.16
CA ALA A 149 -16.57 1.83 -10.82
C ALA A 149 -18.00 1.28 -10.69
N ILE A 150 -19.00 2.12 -11.01
CA ILE A 150 -20.36 1.70 -10.71
C ILE A 150 -20.81 0.58 -11.65
N ALA A 151 -20.51 0.72 -12.94
CA ALA A 151 -20.87 -0.36 -13.86
C ALA A 151 -20.17 -1.66 -13.46
N PRO A 152 -18.84 -1.68 -13.15
CA PRO A 152 -18.25 -2.91 -12.65
C PRO A 152 -18.96 -3.52 -11.45
N PHE A 153 -19.42 -2.66 -10.54
CA PHE A 153 -20.13 -3.15 -9.35
C PHE A 153 -21.44 -3.81 -9.78
N LEU A 154 -22.21 -3.13 -10.64
CA LEU A 154 -23.51 -3.66 -11.04
C LEU A 154 -23.36 -4.92 -11.89
N LEU A 155 -22.36 -4.95 -12.78
CA LEU A 155 -22.05 -6.15 -13.54
C LEU A 155 -21.68 -7.31 -12.60
N THR A 156 -20.92 -6.98 -11.55
CA THR A 156 -20.53 -8.00 -10.57
C THR A 156 -21.76 -8.54 -9.86
N MET A 157 -22.68 -7.66 -9.46
CA MET A 157 -23.94 -8.10 -8.85
CA MET A 157 -23.92 -8.11 -8.84
C MET A 157 -24.68 -9.04 -9.79
N SER A 158 -24.88 -8.62 -11.05
CA SER A 158 -25.66 -9.39 -11.98
C SER A 158 -24.99 -10.74 -12.27
N PHE A 159 -23.66 -10.75 -12.42
CA PHE A 159 -22.92 -11.98 -12.65
C PHE A 159 -23.13 -12.95 -11.49
N ALA A 160 -22.98 -12.46 -10.25
CA ALA A 160 -23.10 -13.30 -9.07
C ALA A 160 -24.52 -13.84 -8.91
N GLN A 161 -25.53 -12.98 -9.15
CA GLN A 161 -26.90 -13.40 -8.93
CA GLN A 161 -26.94 -13.32 -9.00
C GLN A 161 -27.31 -14.49 -9.91
N ARG A 162 -26.70 -14.52 -11.09
CA ARG A 162 -26.98 -15.56 -12.07
C ARG A 162 -26.29 -16.88 -11.70
N GLN A 163 -25.41 -16.85 -10.70
CA GLN A 163 -24.84 -18.08 -10.15
C GLN A 163 -25.13 -18.19 -8.65
N LYS A 164 -26.23 -17.59 -8.17
CA LYS A 164 -26.51 -17.61 -6.74
C LYS A 164 -27.15 -18.95 -6.32
N SER A 173 -15.90 -26.17 -12.72
CA SER A 173 -16.25 -24.76 -13.02
C SER A 173 -15.17 -23.82 -12.48
N ASN A 174 -14.89 -22.75 -13.23
CA ASN A 174 -13.83 -21.83 -12.85
C ASN A 174 -14.32 -20.40 -13.08
N LEU A 175 -15.11 -19.88 -12.14
CA LEU A 175 -15.77 -18.60 -12.30
C LEU A 175 -14.84 -17.50 -11.80
N SER A 176 -14.65 -16.45 -12.60
CA SER A 176 -13.93 -15.33 -12.04
C SER A 176 -14.25 -14.02 -12.76
N ILE A 177 -13.85 -12.94 -12.08
CA ILE A 177 -14.00 -11.57 -12.56
C ILE A 177 -12.61 -10.95 -12.56
N VAL A 178 -12.28 -10.25 -13.66
CA VAL A 178 -11.05 -9.48 -13.72
C VAL A 178 -11.38 -8.02 -14.02
N ASN A 179 -10.87 -7.14 -13.16
CA ASN A 179 -11.10 -5.70 -13.28
C ASN A 179 -9.84 -5.05 -13.83
N LEU A 180 -9.99 -4.22 -14.88
CA LEU A 180 -8.84 -3.48 -15.40
C LEU A 180 -8.65 -2.21 -14.60
N CYS A 181 -7.56 -2.22 -13.82
CA CYS A 181 -7.22 -1.18 -12.87
C CYS A 181 -6.17 -0.26 -13.51
N ASP A 182 -5.35 0.39 -12.69
CA ASP A 182 -4.38 1.35 -13.21
C ASP A 182 -3.23 1.41 -12.21
N ALA A 183 -2.02 1.09 -12.66
CA ALA A 183 -0.85 0.99 -11.79
C ALA A 183 -0.40 2.33 -11.22
N MET A 184 -0.88 3.44 -11.82
CA MET A 184 -0.35 4.75 -11.50
C MET A 184 -1.29 5.57 -10.62
N VAL A 185 -2.26 4.93 -9.96
CA VAL A 185 -3.30 5.72 -9.31
C VAL A 185 -2.80 6.34 -8.00
N ASP A 186 -1.62 5.95 -7.53
CA ASP A 186 -1.04 6.62 -6.36
C ASP A 186 -0.02 7.69 -6.78
N GLN A 187 0.20 7.84 -8.09
CA GLN A 187 1.05 8.90 -8.61
C GLN A 187 0.33 9.47 -9.82
N PRO A 188 -0.85 10.08 -9.58
CA PRO A 188 -1.80 10.34 -10.67
C PRO A 188 -1.40 11.47 -11.61
N CYS A 189 -1.97 11.41 -12.82
CA CYS A 189 -1.78 12.53 -13.71
C CYS A 189 -2.57 13.72 -13.18
N MET A 190 -1.96 14.89 -13.36
CA MET A 190 -2.54 16.15 -12.95
C MET A 190 -3.90 16.32 -13.62
N ALA A 191 -4.92 16.72 -12.82
CA ALA A 191 -6.24 17.10 -13.27
C ALA A 191 -7.10 15.90 -13.68
N PHE A 192 -6.74 14.68 -13.21
CA PHE A 192 -7.54 13.49 -13.50
C PHE A 192 -8.26 12.99 -12.23
N SER A 193 -8.81 13.87 -11.41
CA SER A 193 -9.37 13.48 -10.12
CA SER A 193 -9.31 13.41 -10.13
C SER A 193 -10.47 12.41 -10.27
N LEU A 194 -11.46 12.68 -11.13
CA LEU A 194 -12.60 11.78 -11.20
C LEU A 194 -12.19 10.41 -11.73
N TYR A 195 -11.32 10.38 -12.74
CA TYR A 195 -10.80 9.11 -13.23
C TYR A 195 -10.10 8.36 -12.10
N ASN A 196 -9.24 9.04 -11.34
CA ASN A 196 -8.49 8.41 -10.27
CA ASN A 196 -8.51 8.37 -10.29
C ASN A 196 -9.45 7.89 -9.20
N MET A 197 -10.47 8.68 -8.90
CA MET A 197 -11.44 8.22 -7.91
C MET A 197 -12.08 6.93 -8.38
N GLY A 198 -12.45 6.92 -9.66
CA GLY A 198 -13.10 5.76 -10.22
C GLY A 198 -12.22 4.51 -10.13
N LYS A 199 -10.94 4.65 -10.49
CA LYS A 199 -10.02 3.51 -10.44
C LYS A 199 -9.73 3.08 -9.01
N HIS A 200 -9.62 4.02 -8.06
CA HIS A 200 -9.46 3.62 -6.68
C HIS A 200 -10.71 2.88 -6.21
N ALA A 201 -11.91 3.37 -6.59
CA ALA A 201 -13.12 2.66 -6.20
C ALA A 201 -13.10 1.24 -6.76
N LEU A 202 -12.54 1.04 -7.96
CA LEU A 202 -12.45 -0.28 -8.58
C LEU A 202 -11.55 -1.21 -7.77
N VAL A 203 -10.47 -0.66 -7.15
CA VAL A 203 -9.65 -1.47 -6.26
C VAL A 203 -10.49 -1.90 -5.06
N GLY A 204 -11.27 -0.96 -4.52
CA GLY A 204 -12.11 -1.32 -3.38
C GLY A 204 -13.12 -2.39 -3.77
N LEU A 205 -13.70 -2.29 -4.96
CA LEU A 205 -14.64 -3.31 -5.41
C LEU A 205 -13.95 -4.67 -5.56
N THR A 206 -12.74 -4.68 -6.11
CA THR A 206 -12.02 -5.92 -6.34
C THR A 206 -11.86 -6.62 -4.98
N GLN A 207 -11.45 -5.87 -3.95
CA GLN A 207 -11.22 -6.48 -2.64
C GLN A 207 -12.54 -6.90 -1.99
N SER A 208 -13.53 -6.00 -1.96
CA SER A 208 -14.82 -6.30 -1.32
C SER A 208 -15.53 -7.47 -1.99
N ALA A 209 -15.53 -7.46 -3.31
CA ALA A 209 -16.19 -8.54 -4.02
C ALA A 209 -15.42 -9.86 -3.87
N ALA A 210 -14.08 -9.81 -3.86
CA ALA A 210 -13.31 -11.03 -3.63
C ALA A 210 -13.73 -11.65 -2.30
N LEU A 211 -13.82 -10.84 -1.26
CA LEU A 211 -14.18 -11.35 0.05
C LEU A 211 -15.57 -11.95 0.02
N GLU A 212 -16.52 -11.25 -0.60
CA GLU A 212 -17.91 -11.64 -0.48
C GLU A 212 -18.26 -12.79 -1.41
N LEU A 213 -17.59 -12.88 -2.57
CA LEU A 213 -17.95 -13.91 -3.53
C LEU A 213 -17.11 -15.18 -3.39
N ALA A 214 -16.10 -15.16 -2.52
CA ALA A 214 -15.23 -16.33 -2.34
C ALA A 214 -16.06 -17.55 -1.94
N PRO A 215 -17.08 -17.42 -1.06
CA PRO A 215 -17.90 -18.58 -0.70
C PRO A 215 -18.67 -19.19 -1.87
N TYR A 216 -18.83 -18.45 -2.98
CA TYR A 216 -19.54 -18.95 -4.15
C TYR A 216 -18.55 -19.50 -5.18
N GLY A 217 -17.26 -19.45 -4.85
CA GLY A 217 -16.22 -19.96 -5.72
C GLY A 217 -15.88 -18.97 -6.83
N ILE A 218 -16.31 -17.72 -6.67
CA ILE A 218 -16.03 -16.71 -7.69
C ILE A 218 -14.81 -15.91 -7.25
N ARG A 219 -13.72 -15.99 -8.03
CA ARG A 219 -12.51 -15.22 -7.73
C ARG A 219 -12.65 -13.85 -8.37
N VAL A 220 -12.08 -12.83 -7.70
CA VAL A 220 -12.17 -11.46 -8.22
C VAL A 220 -10.79 -10.85 -8.10
N ASN A 221 -10.23 -10.45 -9.26
CA ASN A 221 -8.84 -9.98 -9.31
C ASN A 221 -8.77 -8.78 -10.24
N GLY A 222 -7.61 -8.13 -10.22
CA GLY A 222 -7.37 -6.99 -11.10
C GLY A 222 -6.07 -7.11 -11.87
N VAL A 223 -6.01 -6.40 -13.01
CA VAL A 223 -4.79 -6.22 -13.76
C VAL A 223 -4.61 -4.71 -13.91
N ALA A 224 -3.43 -4.21 -13.53
CA ALA A 224 -3.20 -2.78 -13.49
C ALA A 224 -2.11 -2.42 -14.49
N PRO A 225 -2.46 -2.01 -15.72
CA PRO A 225 -1.44 -1.53 -16.64
C PRO A 225 -0.84 -0.24 -16.10
N GLY A 226 0.36 0.06 -16.60
CA GLY A 226 0.95 1.38 -16.45
C GLY A 226 0.64 2.17 -17.71
N VAL A 227 1.61 2.24 -18.62
CA VAL A 227 1.27 2.71 -19.95
C VAL A 227 1.25 1.51 -20.88
N SER A 228 0.11 1.36 -21.55
CA SER A 228 -0.06 0.38 -22.60
C SER A 228 -0.42 1.18 -23.84
N LEU A 229 -1.43 0.74 -24.62
CA LEU A 229 -1.73 1.46 -25.84
C LEU A 229 -2.05 2.92 -25.54
N LEU A 230 -1.28 3.84 -26.15
CA LEU A 230 -1.42 5.25 -25.86
C LEU A 230 -2.67 5.77 -26.56
N PRO A 231 -3.21 6.92 -26.12
CA PRO A 231 -4.48 7.44 -26.66
C PRO A 231 -4.32 7.68 -28.16
N VAL A 232 -5.40 7.42 -28.90
CA VAL A 232 -5.42 7.62 -30.35
C VAL A 232 -5.04 9.06 -30.70
N ALA A 233 -5.44 10.02 -29.85
CA ALA A 233 -5.28 11.45 -30.14
C ALA A 233 -3.85 11.91 -29.90
N MET A 234 -3.03 11.07 -29.24
CA MET A 234 -1.75 11.55 -28.76
C MET A 234 -0.74 11.55 -29.91
N GLY A 235 0.04 12.63 -30.03
CA GLY A 235 1.09 12.71 -31.03
C GLY A 235 2.26 11.80 -30.64
N GLU A 236 3.09 11.43 -31.63
CA GLU A 236 4.18 10.50 -31.43
C GLU A 236 5.22 11.07 -30.44
N GLU A 237 5.44 12.39 -30.50
CA GLU A 237 6.44 13.00 -29.63
C GLU A 237 6.02 12.81 -28.17
N GLU A 238 4.72 13.00 -27.91
CA GLU A 238 4.18 12.88 -26.57
C GLU A 238 4.18 11.41 -26.15
N LYS A 239 3.84 10.52 -27.09
CA LYS A 239 3.95 9.09 -26.81
C LYS A 239 5.38 8.71 -26.38
N ASP A 240 6.39 9.23 -27.07
CA ASP A 240 7.76 8.88 -26.75
C ASP A 240 8.16 9.38 -25.36
N LYS A 241 7.59 10.53 -24.94
CA LYS A 241 7.87 11.06 -23.62
CA LYS A 241 7.91 11.05 -23.61
C LYS A 241 7.46 10.04 -22.56
N TRP A 242 6.30 9.42 -22.78
CA TRP A 242 5.78 8.41 -21.86
C TRP A 242 6.62 7.13 -21.94
N ARG A 243 6.94 6.71 -23.16
CA ARG A 243 7.73 5.50 -23.35
C ARG A 243 9.07 5.58 -22.62
N ARG A 244 9.73 6.75 -22.68
CA ARG A 244 11.08 6.89 -22.13
C ARG A 244 11.09 6.79 -20.60
N LYS A 245 9.92 6.83 -19.97
CA LYS A 245 9.85 6.79 -18.52
C LYS A 245 9.84 5.33 -18.02
N VAL A 246 9.57 4.38 -18.90
CA VAL A 246 9.38 2.99 -18.47
C VAL A 246 10.73 2.31 -18.32
N PRO A 247 11.15 1.86 -17.11
CA PRO A 247 12.43 1.17 -16.96
C PRO A 247 12.66 -0.04 -17.85
N LEU A 248 11.63 -0.90 -17.95
CA LEU A 248 11.81 -2.16 -18.64
C LEU A 248 11.53 -1.98 -20.13
N GLY A 249 12.57 -1.53 -20.84
CA GLY A 249 12.53 -1.48 -22.30
C GLY A 249 12.11 -0.14 -22.89
N ARG A 250 11.76 0.86 -22.05
CA ARG A 250 11.41 2.19 -22.55
C ARG A 250 10.35 2.09 -23.63
N ARG A 251 9.31 1.31 -23.36
CA ARG A 251 8.21 1.15 -24.29
CA ARG A 251 8.21 1.12 -24.30
C ARG A 251 6.95 0.80 -23.49
N GLU A 252 5.80 1.07 -24.10
CA GLU A 252 4.51 0.78 -23.49
C GLU A 252 4.23 -0.70 -23.61
N ALA A 253 3.34 -1.23 -22.75
CA ALA A 253 2.92 -2.61 -22.87
C ALA A 253 2.09 -2.80 -24.14
N SER A 254 2.28 -3.93 -24.81
CA SER A 254 1.34 -4.26 -25.86
C SER A 254 0.01 -4.69 -25.27
N ALA A 255 -1.03 -4.61 -26.10
CA ALA A 255 -2.34 -5.06 -25.63
C ALA A 255 -2.25 -6.53 -25.24
N GLU A 256 -1.50 -7.33 -26.02
CA GLU A 256 -1.36 -8.76 -25.73
C GLU A 256 -0.72 -8.99 -24.36
N GLN A 257 0.25 -8.15 -23.96
CA GLN A 257 0.88 -8.32 -22.65
C GLN A 257 -0.11 -8.12 -21.51
N ILE A 258 -1.00 -7.14 -21.66
CA ILE A 258 -2.05 -6.96 -20.66
C ILE A 258 -2.96 -8.18 -20.67
N ALA A 259 -3.39 -8.60 -21.87
CA ALA A 259 -4.28 -9.75 -21.98
C ALA A 259 -3.66 -11.01 -21.37
N ASP A 260 -2.34 -11.20 -21.50
CA ASP A 260 -1.66 -12.35 -20.90
C ASP A 260 -1.88 -12.41 -19.38
N ALA A 261 -1.93 -11.26 -18.72
CA ALA A 261 -2.15 -11.26 -17.27
C ALA A 261 -3.60 -11.63 -16.96
N VAL A 262 -4.55 -11.15 -17.79
CA VAL A 262 -5.95 -11.49 -17.60
C VAL A 262 -6.14 -13.00 -17.75
N ILE A 263 -5.50 -13.56 -18.79
CA ILE A 263 -5.65 -14.99 -19.08
C ILE A 263 -5.07 -15.82 -17.93
N PHE A 264 -3.95 -15.39 -17.36
CA PHE A 264 -3.40 -16.06 -16.18
C PHE A 264 -4.45 -16.09 -15.05
N LEU A 265 -5.03 -14.92 -14.75
CA LEU A 265 -5.96 -14.81 -13.64
C LEU A 265 -7.21 -15.64 -13.85
N VAL A 266 -7.64 -15.86 -15.09
CA VAL A 266 -8.84 -16.66 -15.26
C VAL A 266 -8.51 -18.15 -15.28
N SER A 267 -7.23 -18.49 -15.44
CA SER A 267 -6.79 -19.86 -15.68
C SER A 267 -6.78 -20.68 -14.39
N GLY A 268 -6.64 -22.00 -14.57
CA GLY A 268 -6.44 -22.92 -13.45
C GLY A 268 -5.14 -22.66 -12.67
N SER A 269 -4.19 -21.93 -13.27
CA SER A 269 -2.92 -21.65 -12.61
C SER A 269 -3.08 -20.55 -11.55
N ALA A 270 -4.30 -20.00 -11.42
CA ALA A 270 -4.56 -18.92 -10.47
C ALA A 270 -5.72 -19.28 -9.55
N GLN A 271 -5.98 -20.58 -9.37
CA GLN A 271 -7.17 -21.03 -8.65
C GLN A 271 -7.20 -20.61 -7.17
N TYR A 272 -6.05 -20.22 -6.57
CA TYR A 272 -6.07 -19.80 -5.18
C TYR A 272 -5.97 -18.27 -5.07
N ILE A 273 -5.92 -17.58 -6.21
CA ILE A 273 -5.70 -16.14 -6.21
C ILE A 273 -7.03 -15.41 -6.26
N THR A 274 -7.32 -14.60 -5.25
CA THR A 274 -8.50 -13.74 -5.26
C THR A 274 -8.16 -12.50 -4.44
N GLY A 275 -8.69 -11.37 -4.91
CA GLY A 275 -8.43 -10.09 -4.28
C GLY A 275 -7.07 -9.49 -4.64
N SER A 276 -6.39 -10.07 -5.65
CA SER A 276 -5.06 -9.63 -6.02
C SER A 276 -5.13 -8.69 -7.21
N ILE A 277 -4.24 -7.69 -7.20
CA ILE A 277 -4.12 -6.85 -8.39
C ILE A 277 -2.71 -6.99 -8.92
N ILE A 278 -2.58 -7.47 -10.15
CA ILE A 278 -1.27 -7.68 -10.75
C ILE A 278 -0.92 -6.44 -11.58
N LYS A 279 0.15 -5.75 -11.16
CA LYS A 279 0.67 -4.64 -11.95
CA LYS A 279 0.69 -4.64 -11.92
C LYS A 279 1.40 -5.19 -13.16
N VAL A 280 1.10 -4.59 -14.32
CA VAL A 280 1.78 -4.92 -15.55
C VAL A 280 2.27 -3.62 -16.17
N ASP A 281 3.37 -3.12 -15.62
CA ASP A 281 3.73 -1.73 -15.85
C ASP A 281 5.21 -1.52 -16.19
N GLY A 282 6.01 -2.58 -16.36
CA GLY A 282 7.38 -2.38 -16.80
C GLY A 282 8.22 -1.61 -15.78
N GLY A 283 7.77 -1.56 -14.52
CA GLY A 283 8.46 -0.79 -13.50
C GLY A 283 8.07 0.70 -13.40
N LEU A 284 7.11 1.17 -14.22
CA LEU A 284 6.80 2.60 -14.29
C LEU A 284 6.48 3.20 -12.93
N SER A 285 5.69 2.47 -12.14
CA SER A 285 5.22 2.98 -10.86
C SER A 285 6.35 3.07 -9.82
N LEU A 286 7.52 2.47 -10.09
CA LEU A 286 8.67 2.54 -9.20
C LEU A 286 9.52 3.79 -9.45
N VAL A 287 9.20 4.59 -10.48
CA VAL A 287 10.11 5.65 -10.88
C VAL A 287 9.71 6.96 -10.21
N HIS A 288 10.65 7.56 -9.47
CA HIS A 288 10.36 8.82 -8.77
C HIS A 288 10.36 9.99 -9.76
N ALA A 289 9.83 11.13 -9.30
CA ALA A 289 9.77 12.37 -10.05
C ALA A 289 11.17 12.83 -10.48
N VAL B 15 33.44 -22.98 -18.03
CA VAL B 15 32.33 -23.97 -17.83
C VAL B 15 32.78 -25.29 -18.45
N PRO B 16 32.86 -26.40 -17.67
CA PRO B 16 33.29 -27.68 -18.25
C PRO B 16 32.35 -28.09 -19.38
N ARG B 17 32.90 -28.70 -20.44
CA ARG B 17 32.10 -29.27 -21.51
C ARG B 17 31.00 -30.15 -20.93
N GLY B 18 29.82 -30.11 -21.56
CA GLY B 18 28.71 -30.98 -21.22
C GLY B 18 27.66 -30.25 -20.37
N SER B 19 27.67 -28.92 -20.43
CA SER B 19 26.74 -28.08 -19.67
C SER B 19 25.39 -27.99 -20.38
N HIS B 20 25.37 -28.28 -21.69
CA HIS B 20 24.18 -28.19 -22.53
C HIS B 20 23.58 -26.78 -22.44
N MET B 21 24.45 -25.78 -22.27
CA MET B 21 24.01 -24.43 -22.00
C MET B 21 23.16 -23.88 -23.15
N MET B 22 23.28 -24.45 -24.35
CA MET B 22 22.57 -23.89 -25.50
C MET B 22 21.14 -24.41 -25.53
N GLU B 23 20.88 -25.47 -24.78
CA GLU B 23 19.70 -26.28 -25.04
C GLU B 23 18.54 -25.88 -24.14
N ALA B 24 18.85 -25.35 -22.94
CA ALA B 24 17.82 -25.18 -21.93
C ALA B 24 18.25 -24.14 -20.90
N PRO B 25 17.32 -23.38 -20.30
CA PRO B 25 17.69 -22.45 -19.22
C PRO B 25 17.91 -23.15 -17.89
N ALA B 26 18.46 -22.40 -16.94
CA ALA B 26 18.76 -22.95 -15.63
C ALA B 26 18.26 -22.00 -14.55
N ALA B 27 17.91 -22.57 -13.39
CA ALA B 27 17.38 -21.79 -12.28
C ALA B 27 18.02 -22.22 -10.97
N VAL B 28 18.21 -21.28 -10.05
CA VAL B 28 18.58 -21.57 -8.67
C VAL B 28 17.32 -21.39 -7.83
N VAL B 29 17.00 -22.37 -6.97
CA VAL B 29 15.91 -22.24 -6.00
C VAL B 29 16.49 -22.43 -4.60
N THR B 30 16.38 -21.40 -3.75
CA THR B 30 16.93 -21.58 -2.42
C THR B 30 15.89 -22.29 -1.54
N GLY B 31 16.40 -23.03 -0.55
CA GLY B 31 15.55 -23.75 0.38
C GLY B 31 14.62 -24.71 -0.39
N ALA B 32 15.20 -25.53 -1.28
CA ALA B 32 14.38 -26.24 -2.26
C ALA B 32 14.22 -27.74 -1.95
N ALA B 33 14.66 -28.18 -0.77
CA ALA B 33 14.61 -29.61 -0.48
C ALA B 33 13.18 -30.08 -0.24
N LYS B 34 12.32 -29.20 0.30
CA LYS B 34 10.99 -29.63 0.72
C LYS B 34 9.95 -28.53 0.49
N ARG B 35 8.67 -28.90 0.65
CA ARG B 35 7.60 -27.91 0.75
C ARG B 35 7.56 -27.01 -0.49
N ILE B 36 7.43 -25.69 -0.29
CA ILE B 36 7.20 -24.81 -1.43
C ILE B 36 8.40 -24.77 -2.35
N GLY B 37 9.61 -24.69 -1.78
CA GLY B 37 10.81 -24.63 -2.61
C GLY B 37 10.93 -25.87 -3.50
N ARG B 38 10.57 -27.04 -2.94
CA ARG B 38 10.63 -28.26 -3.72
C ARG B 38 9.64 -28.18 -4.88
N ALA B 39 8.42 -27.68 -4.59
CA ALA B 39 7.38 -27.63 -5.61
C ALA B 39 7.80 -26.68 -6.73
N ILE B 40 8.48 -25.58 -6.36
CA ILE B 40 8.95 -24.63 -7.36
C ILE B 40 10.01 -25.31 -8.24
N ALA B 41 10.99 -25.97 -7.61
CA ALA B 41 12.05 -26.63 -8.35
C ALA B 41 11.50 -27.69 -9.30
N VAL B 42 10.54 -28.47 -8.81
CA VAL B 42 9.90 -29.49 -9.63
C VAL B 42 9.16 -28.87 -10.81
N LYS B 43 8.37 -27.80 -10.57
CA LYS B 43 7.65 -27.21 -11.69
C LYS B 43 8.59 -26.57 -12.71
N LEU B 44 9.66 -25.92 -12.23
CA LEU B 44 10.62 -25.35 -13.16
C LEU B 44 11.23 -26.49 -13.99
N HIS B 45 11.59 -27.58 -13.32
CA HIS B 45 12.21 -28.71 -14.01
C HIS B 45 11.23 -29.28 -15.05
N GLN B 46 9.96 -29.43 -14.65
CA GLN B 46 8.93 -29.92 -15.56
C GLN B 46 8.73 -29.02 -16.76
N THR B 47 9.00 -27.72 -16.60
CA THR B 47 8.87 -26.71 -17.64
C THR B 47 10.07 -26.76 -18.59
N GLY B 48 11.17 -27.43 -18.18
CA GLY B 48 12.34 -27.53 -19.05
C GLY B 48 13.61 -26.91 -18.46
N TYR B 49 13.54 -26.40 -17.23
CA TYR B 49 14.72 -25.80 -16.61
C TYR B 49 15.62 -26.88 -16.01
N ARG B 50 16.94 -26.62 -16.06
CA ARG B 50 17.84 -27.29 -15.14
C ARG B 50 17.80 -26.51 -13.82
N VAL B 51 18.03 -27.21 -12.70
CA VAL B 51 17.88 -26.55 -11.39
C VAL B 51 19.06 -26.84 -10.46
N VAL B 52 19.43 -25.81 -9.68
CA VAL B 52 20.22 -25.93 -8.47
C VAL B 52 19.26 -25.99 -7.28
N ILE B 53 19.32 -27.10 -6.53
CA ILE B 53 18.56 -27.25 -5.30
C ILE B 53 19.44 -26.84 -4.15
N HIS B 54 19.23 -25.63 -3.63
CA HIS B 54 19.98 -25.21 -2.46
C HIS B 54 19.28 -25.76 -1.22
N TYR B 55 20.08 -26.04 -0.19
CA TYR B 55 19.53 -26.52 1.06
C TYR B 55 20.49 -26.17 2.19
N HIS B 56 20.01 -26.34 3.43
CA HIS B 56 20.83 -26.08 4.60
C HIS B 56 20.94 -27.37 5.40
N ASN B 57 19.86 -27.80 6.07
CA ASN B 57 19.95 -28.97 6.93
C ASN B 57 19.31 -30.21 6.30
N SER B 58 18.56 -30.04 5.20
CA SER B 58 17.76 -31.15 4.71
C SER B 58 18.49 -31.89 3.59
N ALA B 59 19.66 -32.45 3.94
CA ALA B 59 20.60 -33.01 2.98
C ALA B 59 20.02 -34.21 2.24
N GLU B 60 19.42 -35.15 2.99
CA GLU B 60 18.83 -36.34 2.39
C GLU B 60 17.72 -35.94 1.41
N ALA B 61 16.83 -35.04 1.84
CA ALA B 61 15.71 -34.61 1.01
C ALA B 61 16.22 -33.92 -0.25
N ALA B 62 17.25 -33.09 -0.12
CA ALA B 62 17.79 -32.36 -1.27
C ALA B 62 18.43 -33.31 -2.29
N VAL B 63 19.28 -34.21 -1.79
CA VAL B 63 19.95 -35.17 -2.64
C VAL B 63 18.92 -36.10 -3.31
N SER B 64 17.92 -36.57 -2.54
CA SER B 64 16.86 -37.42 -3.06
CA SER B 64 16.92 -37.44 -3.12
C SER B 64 16.10 -36.71 -4.18
N LEU B 65 15.76 -35.44 -3.96
CA LEU B 65 15.03 -34.69 -4.97
C LEU B 65 15.84 -34.58 -6.26
N ALA B 66 17.09 -34.16 -6.13
CA ALA B 66 17.94 -34.00 -7.30
C ALA B 66 18.10 -35.34 -8.04
N ASP B 67 18.13 -36.43 -7.28
CA ASP B 67 18.27 -37.77 -7.85
C ASP B 67 17.05 -38.07 -8.71
N GLU B 68 15.86 -37.82 -8.15
CA GLU B 68 14.62 -38.05 -8.90
C GLU B 68 14.56 -37.22 -10.18
N LEU B 69 14.99 -35.95 -10.12
CA LEU B 69 14.99 -35.10 -11.30
C LEU B 69 15.99 -35.60 -12.33
N ASN B 70 17.16 -36.07 -11.87
CA ASN B 70 18.18 -36.58 -12.78
C ASN B 70 17.74 -37.89 -13.44
N LYS B 71 16.95 -38.68 -12.70
CA LYS B 71 16.40 -39.90 -13.28
C LYS B 71 15.41 -39.57 -14.39
N GLU B 72 14.74 -38.42 -14.30
CA GLU B 72 13.87 -37.97 -15.38
CA GLU B 72 13.87 -37.97 -15.38
C GLU B 72 14.68 -37.50 -16.58
N ARG B 73 15.68 -36.64 -16.36
CA ARG B 73 16.53 -36.13 -17.43
C ARG B 73 17.95 -35.98 -16.88
N SER B 74 18.92 -36.71 -17.47
CA SER B 74 20.24 -36.81 -16.84
C SER B 74 20.90 -35.46 -16.63
N ASN B 75 21.53 -35.30 -15.44
CA ASN B 75 22.37 -34.16 -15.11
C ASN B 75 21.65 -32.82 -15.31
N THR B 76 20.38 -32.79 -14.92
CA THR B 76 19.60 -31.55 -14.97
C THR B 76 19.33 -30.99 -13.58
N ALA B 77 19.89 -31.61 -12.52
CA ALA B 77 19.76 -31.10 -11.17
C ALA B 77 21.07 -31.29 -10.42
N VAL B 78 21.43 -30.26 -9.66
CA VAL B 78 22.58 -30.33 -8.74
C VAL B 78 22.11 -29.80 -7.39
N VAL B 79 22.86 -30.11 -6.33
CA VAL B 79 22.56 -29.58 -5.02
C VAL B 79 23.70 -28.67 -4.59
N CYS B 80 23.35 -27.70 -3.72
CA CYS B 80 24.34 -26.79 -3.15
C CYS B 80 23.90 -26.45 -1.73
N GLN B 81 24.72 -26.83 -0.75
CA GLN B 81 24.43 -26.54 0.64
C GLN B 81 25.06 -25.20 1.01
N ALA B 82 24.28 -24.38 1.72
CA ALA B 82 24.80 -23.16 2.31
C ALA B 82 23.90 -22.72 3.45
N ASP B 83 24.53 -22.28 4.54
CA ASP B 83 23.85 -21.55 5.58
C ASP B 83 23.65 -20.12 5.11
N LEU B 84 22.39 -19.62 5.18
CA LEU B 84 22.08 -18.28 4.69
C LEU B 84 21.94 -17.30 5.85
N THR B 85 22.38 -17.71 7.05
CA THR B 85 22.48 -16.82 8.20
C THR B 85 23.43 -15.68 7.87
N ASN B 86 23.10 -14.47 8.34
CA ASN B 86 23.98 -13.34 8.12
C ASN B 86 25.29 -13.56 8.87
N SER B 87 26.38 -13.22 8.18
CA SER B 87 27.72 -13.29 8.70
C SER B 87 28.65 -12.68 7.67
N ASN B 88 29.93 -12.57 8.02
CA ASN B 88 30.89 -11.94 7.13
CA ASN B 88 30.96 -11.98 7.18
C ASN B 88 31.27 -12.89 5.99
N VAL B 89 30.88 -14.17 6.09
CA VAL B 89 31.14 -15.14 5.03
C VAL B 89 29.91 -15.32 4.12
N LEU B 90 28.78 -14.72 4.50
CA LEU B 90 27.57 -14.91 3.69
C LEU B 90 27.75 -14.45 2.24
N PRO B 91 28.41 -13.30 1.91
CA PRO B 91 28.60 -12.92 0.51
C PRO B 91 29.29 -14.02 -0.31
N ALA B 92 30.32 -14.63 0.27
CA ALA B 92 31.03 -15.70 -0.41
C ALA B 92 30.11 -16.92 -0.59
N SER B 93 29.29 -17.25 0.42
CA SER B 93 28.37 -18.38 0.28
C SER B 93 27.40 -18.16 -0.87
N CYS B 94 26.88 -16.93 -0.96
CA CYS B 94 25.91 -16.61 -2.00
C CYS B 94 26.56 -16.64 -3.37
N GLU B 95 27.78 -16.09 -3.52
CA GLU B 95 28.50 -16.16 -4.77
C GLU B 95 28.65 -17.63 -5.19
N GLU B 96 28.93 -18.50 -4.21
CA GLU B 96 29.14 -19.91 -4.53
C GLU B 96 27.87 -20.58 -5.02
N ILE B 97 26.71 -20.18 -4.48
CA ILE B 97 25.47 -20.79 -4.97
C ILE B 97 25.28 -20.44 -6.43
N ILE B 98 25.43 -19.15 -6.78
CA ILE B 98 25.30 -18.74 -8.17
C ILE B 98 26.37 -19.43 -9.03
N ASN B 99 27.59 -19.47 -8.51
CA ASN B 99 28.68 -20.13 -9.20
C ASN B 99 28.32 -21.58 -9.53
N SER B 100 27.64 -22.26 -8.61
CA SER B 100 27.32 -23.66 -8.81
C SER B 100 26.38 -23.86 -10.00
N CYS B 101 25.52 -22.87 -10.25
CA CYS B 101 24.63 -22.94 -11.40
C CYS B 101 25.44 -22.82 -12.69
N PHE B 102 26.41 -21.90 -12.71
CA PHE B 102 27.22 -21.70 -13.90
C PHE B 102 28.10 -22.93 -14.14
N ARG B 103 28.69 -23.48 -13.07
CA ARG B 103 29.53 -24.67 -13.17
CA ARG B 103 29.53 -24.66 -13.18
C ARG B 103 28.73 -25.80 -13.81
N ALA B 104 27.52 -26.03 -13.31
CA ALA B 104 26.75 -27.19 -13.75
C ALA B 104 26.14 -26.96 -15.13
N PHE B 105 25.67 -25.73 -15.41
CA PHE B 105 24.74 -25.60 -16.53
C PHE B 105 25.17 -24.52 -17.51
N GLY B 106 26.20 -23.75 -17.14
CA GLY B 106 26.79 -22.79 -18.05
C GLY B 106 26.03 -21.45 -18.14
N ARG B 107 25.00 -21.29 -17.31
CA ARG B 107 24.14 -20.12 -17.36
C ARG B 107 23.26 -20.11 -16.11
N CYS B 108 22.66 -18.96 -15.79
CA CYS B 108 21.71 -18.86 -14.70
C CYS B 108 20.67 -17.84 -15.10
N ASP B 109 19.48 -18.34 -15.46
CA ASP B 109 18.44 -17.50 -16.03
C ASP B 109 17.46 -17.02 -14.97
N VAL B 110 17.25 -17.84 -13.94
CA VAL B 110 16.25 -17.54 -12.93
C VAL B 110 16.82 -17.79 -11.53
N LEU B 111 16.53 -16.86 -10.61
CA LEU B 111 16.84 -17.04 -9.20
C LEU B 111 15.52 -16.95 -8.43
N VAL B 112 15.23 -17.96 -7.60
CA VAL B 112 14.05 -17.94 -6.75
C VAL B 112 14.53 -17.90 -5.31
N ASN B 113 14.27 -16.76 -4.65
CA ASN B 113 14.65 -16.59 -3.26
C ASN B 113 13.50 -17.09 -2.40
N ASN B 114 13.57 -18.36 -2.02
CA ASN B 114 12.52 -19.05 -1.27
C ASN B 114 12.92 -19.35 0.16
N ALA B 115 14.21 -19.64 0.41
CA ALA B 115 14.66 -20.02 1.76
C ALA B 115 14.24 -18.99 2.79
N SER B 116 13.83 -19.47 3.97
CA SER B 116 13.32 -18.53 4.96
C SER B 116 13.33 -19.13 6.36
N ALA B 117 13.89 -18.39 7.32
CA ALA B 117 13.67 -18.74 8.72
C ALA B 117 12.39 -18.07 9.20
N PHE B 118 11.65 -18.75 10.09
CA PHE B 118 10.36 -18.27 10.55
C PHE B 118 10.14 -18.80 11.97
N TYR B 119 10.21 -17.89 12.94
CA TYR B 119 9.95 -18.23 14.33
C TYR B 119 9.77 -16.94 15.11
N PRO B 120 9.10 -16.97 16.28
CA PRO B 120 8.85 -15.75 17.05
C PRO B 120 10.14 -15.21 17.67
N THR B 121 10.20 -13.87 17.74
CA THR B 121 11.24 -13.13 18.42
C THR B 121 10.58 -12.03 19.25
N PRO B 122 9.99 -12.37 20.42
CA PRO B 122 9.28 -11.39 21.24
C PRO B 122 10.17 -10.22 21.65
N LEU B 123 9.56 -9.04 21.72
CA LEU B 123 10.30 -7.86 22.12
C LEU B 123 10.52 -7.85 23.63
N VAL B 124 9.58 -8.48 24.36
CA VAL B 124 9.59 -8.45 25.81
C VAL B 124 9.65 -9.90 26.33
N GLY B 134 16.28 -20.58 23.15
CA GLY B 134 17.70 -20.87 23.39
C GLY B 134 18.62 -19.91 22.64
N LYS B 135 18.10 -19.28 21.57
CA LYS B 135 18.91 -18.47 20.68
C LYS B 135 19.12 -17.07 21.27
N THR B 136 20.36 -16.58 21.19
CA THR B 136 20.64 -15.20 21.55
C THR B 136 19.96 -14.29 20.53
N VAL B 137 19.76 -13.02 20.92
CA VAL B 137 19.12 -12.07 20.03
CA VAL B 137 19.10 -12.09 20.02
C VAL B 137 19.98 -11.88 18.79
N GLU B 138 21.31 -11.91 18.96
CA GLU B 138 22.12 -11.69 17.77
C GLU B 138 21.97 -12.84 16.77
N THR B 139 21.76 -14.07 17.26
CA THR B 139 21.51 -15.20 16.38
C THR B 139 20.17 -15.02 15.67
N GLN B 140 19.16 -14.55 16.42
CA GLN B 140 17.82 -14.31 15.90
C GLN B 140 17.92 -13.32 14.73
N VAL B 141 18.61 -12.20 14.96
CA VAL B 141 18.78 -11.19 13.91
C VAL B 141 19.49 -11.83 12.71
N ALA B 142 20.57 -12.57 12.99
CA ALA B 142 21.39 -13.09 11.90
C ALA B 142 20.58 -14.08 11.04
N GLU B 143 19.81 -14.95 11.70
CA GLU B 143 19.04 -15.95 10.95
C GLU B 143 17.86 -15.35 10.20
N LEU B 144 17.08 -14.51 10.88
CA LEU B 144 15.83 -14.02 10.29
C LEU B 144 16.12 -12.95 9.25
N ILE B 145 17.06 -12.04 9.53
CA ILE B 145 17.34 -11.00 8.55
C ILE B 145 18.27 -11.55 7.48
N GLY B 146 19.16 -12.48 7.85
CA GLY B 146 20.01 -13.12 6.86
C GLY B 146 19.21 -13.89 5.81
N THR B 147 18.39 -14.85 6.25
CA THR B 147 17.70 -15.68 5.27
C THR B 147 16.68 -14.89 4.45
N ASN B 148 15.93 -13.99 5.11
CA ASN B 148 14.77 -13.39 4.47
C ASN B 148 15.13 -12.18 3.61
N ALA B 149 16.30 -11.59 3.86
CA ALA B 149 16.59 -10.31 3.22
C ALA B 149 18.03 -10.19 2.72
N ILE B 150 19.01 -10.39 3.62
CA ILE B 150 20.39 -10.15 3.20
C ILE B 150 20.86 -11.17 2.17
N ALA B 151 20.54 -12.44 2.40
CA ALA B 151 20.94 -13.46 1.45
C ALA B 151 20.28 -13.21 0.10
N PRO B 152 18.97 -12.89 0.01
CA PRO B 152 18.39 -12.49 -1.27
C PRO B 152 19.12 -11.34 -1.95
N PHE B 153 19.53 -10.34 -1.17
CA PHE B 153 20.26 -9.21 -1.73
C PHE B 153 21.58 -9.70 -2.33
N LEU B 154 22.36 -10.46 -1.56
CA LEU B 154 23.67 -10.94 -2.01
C LEU B 154 23.54 -11.87 -3.22
N LEU B 155 22.53 -12.74 -3.22
CA LEU B 155 22.26 -13.62 -4.35
C LEU B 155 21.87 -12.82 -5.60
N THR B 156 21.07 -11.77 -5.39
CA THR B 156 20.67 -10.88 -6.48
C THR B 156 21.92 -10.23 -7.08
N MET B 157 22.84 -9.76 -6.22
CA MET B 157 24.04 -9.10 -6.71
CA MET B 157 24.03 -9.09 -6.71
C MET B 157 24.86 -10.08 -7.54
N SER B 158 25.07 -11.28 -7.00
CA SER B 158 25.87 -12.28 -7.69
C SER B 158 25.20 -12.70 -9.00
N PHE B 159 23.88 -12.88 -8.98
CA PHE B 159 23.13 -13.24 -10.18
C PHE B 159 23.31 -12.17 -11.25
N ALA B 160 23.17 -10.90 -10.88
CA ALA B 160 23.25 -9.83 -11.86
C ALA B 160 24.68 -9.70 -12.41
N GLN B 161 25.69 -9.81 -11.54
CA GLN B 161 27.05 -9.54 -11.96
CA GLN B 161 27.07 -9.56 -11.92
C GLN B 161 27.54 -10.62 -12.91
N ARG B 162 27.02 -11.84 -12.73
CA ARG B 162 27.52 -13.01 -13.44
C ARG B 162 26.92 -13.11 -14.83
N GLN B 163 25.92 -12.27 -15.13
CA GLN B 163 25.28 -12.33 -16.44
C GLN B 163 26.34 -12.09 -17.52
N LYS B 164 26.40 -13.02 -18.48
CA LYS B 164 27.37 -13.00 -19.57
C LYS B 164 26.62 -12.74 -20.89
N SER B 173 16.62 -14.69 -24.41
CA SER B 173 16.95 -14.30 -23.01
C SER B 173 15.67 -13.90 -22.27
N ASN B 174 15.38 -14.61 -21.17
CA ASN B 174 14.28 -14.21 -20.30
C ASN B 174 14.76 -14.36 -18.87
N LEU B 175 15.51 -13.38 -18.38
CA LEU B 175 16.11 -13.46 -17.06
C LEU B 175 15.16 -12.88 -16.02
N SER B 176 15.00 -13.60 -14.91
CA SER B 176 14.21 -13.02 -13.83
C SER B 176 14.52 -13.61 -12.46
N ILE B 177 14.12 -12.83 -11.44
CA ILE B 177 14.24 -13.17 -10.05
C ILE B 177 12.83 -13.16 -9.48
N VAL B 178 12.51 -14.16 -8.66
CA VAL B 178 11.25 -14.20 -7.92
C VAL B 178 11.56 -14.35 -6.45
N ASN B 179 11.00 -13.43 -5.64
CA ASN B 179 11.22 -13.42 -4.21
C ASN B 179 9.94 -13.91 -3.53
N LEU B 180 10.08 -14.87 -2.59
CA LEU B 180 8.91 -15.35 -1.85
C LEU B 180 8.69 -14.44 -0.66
N CYS B 181 7.62 -13.63 -0.79
CA CYS B 181 7.19 -12.61 0.15
C CYS B 181 6.13 -13.22 1.08
N ASP B 182 5.31 -12.36 1.69
CA ASP B 182 4.33 -12.83 2.65
C ASP B 182 3.13 -11.90 2.56
N ALA B 183 1.95 -12.43 2.22
CA ALA B 183 0.78 -11.57 2.04
C ALA B 183 0.33 -10.89 3.33
N MET B 184 0.79 -11.39 4.49
CA MET B 184 0.24 -10.90 5.75
C MET B 184 1.20 -9.96 6.49
N VAL B 185 2.17 -9.40 5.77
CA VAL B 185 3.19 -8.62 6.46
C VAL B 185 2.65 -7.28 6.97
N ASP B 186 1.45 -6.85 6.52
CA ASP B 186 0.83 -5.68 7.11
C ASP B 186 -0.16 -6.00 8.23
N GLN B 187 -0.36 -7.29 8.53
CA GLN B 187 -1.22 -7.75 9.60
C GLN B 187 -0.49 -8.92 10.25
N PRO B 188 0.68 -8.65 10.85
CA PRO B 188 1.63 -9.71 11.20
C PRO B 188 1.21 -10.52 12.41
N CYS B 189 1.77 -11.73 12.49
CA CYS B 189 1.60 -12.52 13.71
C CYS B 189 2.30 -11.81 14.86
N MET B 190 1.67 -11.92 16.02
CA MET B 190 2.18 -11.37 17.26
C MET B 190 3.55 -11.98 17.53
N ALA B 191 4.53 -11.10 17.84
CA ALA B 191 5.85 -11.47 18.32
C ALA B 191 6.78 -11.96 17.22
N PHE B 192 6.43 -11.65 15.95
CA PHE B 192 7.26 -12.02 14.82
C PHE B 192 7.94 -10.79 14.21
N SER B 193 8.50 -9.88 15.04
CA SER B 193 9.00 -8.63 14.49
CA SER B 193 9.04 -8.63 14.54
C SER B 193 10.17 -8.86 13.53
N LEU B 194 11.15 -9.69 13.90
CA LEU B 194 12.31 -9.85 13.03
C LEU B 194 11.93 -10.50 11.70
N TYR B 195 11.05 -11.51 11.72
CA TYR B 195 10.57 -12.14 10.50
C TYR B 195 9.88 -11.10 9.63
N ASN B 196 9.01 -10.27 10.22
CA ASN B 196 8.25 -9.27 9.48
CA ASN B 196 8.26 -9.29 9.45
C ASN B 196 9.21 -8.22 8.89
N MET B 197 10.20 -7.83 9.69
CA MET B 197 11.19 -6.89 9.17
C MET B 197 11.88 -7.46 7.95
N GLY B 198 12.26 -8.73 8.02
CA GLY B 198 12.92 -9.41 6.91
C GLY B 198 12.06 -9.43 5.64
N LYS B 199 10.78 -9.78 5.80
CA LYS B 199 9.88 -9.85 4.65
C LYS B 199 9.61 -8.45 4.08
N HIS B 200 9.47 -7.43 4.94
CA HIS B 200 9.32 -6.08 4.40
C HIS B 200 10.59 -5.68 3.68
N ALA B 201 11.78 -6.00 4.24
CA ALA B 201 13.00 -5.64 3.50
C ALA B 201 13.00 -6.33 2.13
N LEU B 202 12.47 -7.54 2.04
CA LEU B 202 12.45 -8.27 0.79
C LEU B 202 11.55 -7.58 -0.25
N VAL B 203 10.46 -6.94 0.19
CA VAL B 203 9.65 -6.11 -0.70
C VAL B 203 10.50 -4.98 -1.25
N GLY B 204 11.25 -4.32 -0.35
CA GLY B 204 12.13 -3.23 -0.73
C GLY B 204 13.12 -3.70 -1.78
N LEU B 205 13.71 -4.87 -1.55
CA LEU B 205 14.68 -5.38 -2.51
C LEU B 205 14.02 -5.67 -3.85
N THR B 206 12.81 -6.26 -3.83
CA THR B 206 12.09 -6.56 -5.06
C THR B 206 11.92 -5.28 -5.89
N GLN B 207 11.49 -4.19 -5.23
CA GLN B 207 11.27 -2.94 -5.94
C GLN B 207 12.58 -2.33 -6.39
N SER B 208 13.54 -2.22 -5.47
CA SER B 208 14.80 -1.57 -5.81
C SER B 208 15.53 -2.32 -6.92
N ALA B 209 15.54 -3.66 -6.84
CA ALA B 209 16.24 -4.45 -7.84
C ALA B 209 15.50 -4.42 -9.18
N ALA B 210 14.16 -4.39 -9.16
CA ALA B 210 13.41 -4.26 -10.40
C ALA B 210 13.84 -2.99 -11.12
N LEU B 211 13.93 -1.88 -10.39
CA LEU B 211 14.29 -0.62 -11.05
C LEU B 211 15.71 -0.68 -11.61
N GLU B 212 16.65 -1.17 -10.79
CA GLU B 212 18.07 -1.11 -11.13
C GLU B 212 18.44 -2.12 -12.22
N LEU B 213 17.78 -3.28 -12.24
CA LEU B 213 18.16 -4.35 -13.17
C LEU B 213 17.34 -4.31 -14.46
N ALA B 214 16.28 -3.50 -14.51
CA ALA B 214 15.47 -3.39 -15.71
C ALA B 214 16.33 -3.10 -16.94
N PRO B 215 17.36 -2.19 -16.88
CA PRO B 215 18.16 -1.91 -18.08
C PRO B 215 18.96 -3.09 -18.63
N TYR B 216 19.09 -4.14 -17.80
CA TYR B 216 19.80 -5.35 -18.16
C TYR B 216 18.80 -6.42 -18.61
N GLY B 217 17.52 -6.08 -18.58
CA GLY B 217 16.47 -6.98 -19.02
C GLY B 217 16.16 -8.05 -17.96
N ILE B 218 16.61 -7.83 -16.73
CA ILE B 218 16.28 -8.74 -15.63
C ILE B 218 15.05 -8.24 -14.88
N ARG B 219 14.02 -9.07 -14.85
CA ARG B 219 12.77 -8.73 -14.17
C ARG B 219 12.88 -9.23 -12.73
N VAL B 220 12.27 -8.50 -11.80
CA VAL B 220 12.33 -8.90 -10.40
C VAL B 220 10.93 -8.76 -9.82
N ASN B 221 10.35 -9.88 -9.36
CA ASN B 221 8.98 -9.90 -8.90
C ASN B 221 8.89 -10.73 -7.63
N GLY B 222 7.71 -10.70 -7.01
CA GLY B 222 7.51 -11.50 -5.82
C GLY B 222 6.20 -12.29 -5.90
N VAL B 223 6.17 -13.35 -5.11
CA VAL B 223 4.96 -14.12 -4.86
C VAL B 223 4.75 -14.11 -3.36
N ALA B 224 3.55 -13.73 -2.94
CA ALA B 224 3.25 -13.53 -1.53
C ALA B 224 2.17 -14.54 -1.07
N PRO B 225 2.55 -15.70 -0.53
CA PRO B 225 1.54 -16.63 0.00
C PRO B 225 0.89 -16.03 1.24
N GLY B 226 -0.30 -16.54 1.53
CA GLY B 226 -0.94 -16.28 2.80
C GLY B 226 -0.65 -17.43 3.75
N VAL B 227 -1.59 -18.37 3.85
CA VAL B 227 -1.29 -19.64 4.50
CA VAL B 227 -1.26 -19.64 4.50
C VAL B 227 -1.18 -20.70 3.40
N SER B 228 -0.02 -21.35 3.35
CA SER B 228 0.18 -22.45 2.44
C SER B 228 0.46 -23.65 3.33
N LEU B 229 1.44 -24.48 2.97
CA LEU B 229 1.68 -25.67 3.77
C LEU B 229 2.01 -25.26 5.20
N LEU B 230 1.24 -25.80 6.16
CA LEU B 230 1.44 -25.50 7.57
C LEU B 230 2.47 -26.48 8.11
N PRO B 231 3.11 -26.24 9.28
CA PRO B 231 4.01 -27.26 9.85
C PRO B 231 3.38 -28.65 9.93
N VAL B 232 4.12 -29.69 9.49
CA VAL B 232 3.62 -31.06 9.49
C VAL B 232 3.24 -31.46 10.92
N ALA B 233 3.97 -30.87 11.87
CA ALA B 233 3.89 -31.16 13.29
C ALA B 233 2.72 -30.44 13.96
N MET B 234 2.27 -29.31 13.38
CA MET B 234 1.16 -28.54 13.91
C MET B 234 -0.09 -29.42 13.95
N GLY B 235 -0.78 -29.43 15.10
CA GLY B 235 -2.02 -30.16 15.25
C GLY B 235 -3.03 -29.78 14.17
N GLU B 236 -3.78 -30.76 13.66
CA GLU B 236 -4.82 -30.46 12.69
C GLU B 236 -5.80 -29.42 13.26
N GLU B 237 -6.03 -29.45 14.58
CA GLU B 237 -7.00 -28.53 15.17
C GLU B 237 -6.49 -27.09 15.10
N GLU B 238 -5.15 -26.92 15.15
CA GLU B 238 -4.55 -25.59 15.02
C GLU B 238 -4.53 -25.20 13.54
N LYS B 239 -4.17 -26.15 12.67
CA LYS B 239 -4.24 -25.91 11.23
C LYS B 239 -5.65 -25.44 10.86
N ASP B 240 -6.68 -26.05 11.44
CA ASP B 240 -8.04 -25.67 11.08
C ASP B 240 -8.41 -24.25 11.50
N LYS B 241 -7.79 -23.75 12.57
CA LYS B 241 -8.00 -22.37 12.99
C LYS B 241 -7.56 -21.44 11.86
N TRP B 242 -6.47 -21.80 11.17
CA TRP B 242 -6.01 -20.97 10.07
C TRP B 242 -6.84 -21.19 8.81
N ARG B 243 -7.14 -22.45 8.52
CA ARG B 243 -7.91 -22.77 7.33
C ARG B 243 -9.26 -22.05 7.34
N ARG B 244 -9.90 -21.98 8.51
CA ARG B 244 -11.24 -21.44 8.57
C ARG B 244 -11.27 -19.95 8.28
N LYS B 245 -10.09 -19.30 8.33
CA LYS B 245 -10.01 -17.87 8.13
C LYS B 245 -9.98 -17.54 6.63
N VAL B 246 -9.74 -18.54 5.78
CA VAL B 246 -9.46 -18.28 4.37
C VAL B 246 -10.77 -18.23 3.59
N PRO B 247 -11.13 -17.07 2.98
CA PRO B 247 -12.40 -16.99 2.25
C PRO B 247 -12.60 -18.01 1.14
N LEU B 248 -11.54 -18.22 0.34
CA LEU B 248 -11.65 -19.05 -0.85
C LEU B 248 -11.39 -20.50 -0.48
N GLY B 249 -12.46 -21.17 -0.04
CA GLY B 249 -12.40 -22.61 0.16
C GLY B 249 -12.01 -23.06 1.57
N ARG B 250 -11.70 -22.14 2.49
CA ARG B 250 -11.40 -22.48 3.87
C ARG B 250 -10.32 -23.56 3.90
N ARG B 251 -9.27 -23.31 3.11
CA ARG B 251 -8.14 -24.22 3.04
CA ARG B 251 -8.14 -24.23 3.03
C ARG B 251 -6.87 -23.42 2.73
N GLU B 252 -5.73 -24.01 3.10
CA GLU B 252 -4.44 -23.40 2.80
C GLU B 252 -4.09 -23.66 1.34
N ALA B 253 -3.17 -22.84 0.79
CA ALA B 253 -2.71 -23.12 -0.57
C ALA B 253 -1.85 -24.39 -0.58
N SER B 254 -1.94 -25.14 -1.68
CA SER B 254 -0.93 -26.16 -1.87
C SER B 254 0.39 -25.52 -2.25
N ALA B 255 1.49 -26.28 -2.10
CA ALA B 255 2.77 -25.76 -2.57
C ALA B 255 2.71 -25.55 -4.08
N GLU B 256 2.00 -26.42 -4.80
CA GLU B 256 1.90 -26.32 -6.25
C GLU B 256 1.19 -25.02 -6.68
N GLN B 257 0.18 -24.56 -5.91
CA GLN B 257 -0.52 -23.33 -6.25
C GLN B 257 0.43 -22.14 -6.14
N ILE B 258 1.30 -22.16 -5.11
CA ILE B 258 2.31 -21.11 -4.99
C ILE B 258 3.25 -21.21 -6.19
N ALA B 259 3.73 -22.43 -6.47
CA ALA B 259 4.63 -22.61 -7.61
C ALA B 259 4.03 -22.14 -8.94
N ASP B 260 2.71 -22.33 -9.13
CA ASP B 260 2.07 -21.85 -10.36
C ASP B 260 2.29 -20.35 -10.61
N ALA B 261 2.31 -19.55 -9.53
CA ALA B 261 2.49 -18.11 -9.68
C ALA B 261 3.95 -17.82 -10.04
N VAL B 262 4.88 -18.58 -9.43
CA VAL B 262 6.29 -18.42 -9.79
C VAL B 262 6.48 -18.73 -11.28
N ILE B 263 5.88 -19.83 -11.75
CA ILE B 263 5.99 -20.25 -13.14
C ILE B 263 5.46 -19.15 -14.08
N PHE B 264 4.32 -18.54 -13.73
CA PHE B 264 3.80 -17.44 -14.52
C PHE B 264 4.83 -16.31 -14.59
N LEU B 265 5.38 -15.91 -13.44
CA LEU B 265 6.26 -14.76 -13.42
C LEU B 265 7.56 -14.99 -14.22
N VAL B 266 8.01 -16.23 -14.31
CA VAL B 266 9.25 -16.47 -15.03
C VAL B 266 8.99 -16.67 -16.54
N SER B 267 7.73 -16.85 -16.92
CA SER B 267 7.32 -17.20 -18.27
C SER B 267 7.32 -16.02 -19.23
N GLY B 268 7.16 -16.37 -20.50
CA GLY B 268 7.03 -15.39 -21.58
C GLY B 268 5.71 -14.61 -21.52
N SER B 269 4.80 -15.01 -20.64
CA SER B 269 3.51 -14.35 -20.47
C SER B 269 3.61 -13.20 -19.47
N ALA B 270 4.80 -13.01 -18.88
CA ALA B 270 5.02 -12.00 -17.86
C ALA B 270 6.16 -11.06 -18.23
N GLN B 271 6.43 -10.91 -19.54
CA GLN B 271 7.64 -10.24 -19.99
CA GLN B 271 7.64 -10.24 -20.01
C GLN B 271 7.63 -8.74 -19.73
N TYR B 272 6.46 -8.16 -19.39
CA TYR B 272 6.36 -6.73 -19.09
C TYR B 272 6.24 -6.48 -17.59
N ILE B 273 6.22 -7.57 -16.82
CA ILE B 273 5.97 -7.46 -15.39
C ILE B 273 7.30 -7.42 -14.63
N THR B 274 7.51 -6.32 -13.93
CA THR B 274 8.65 -6.20 -13.03
C THR B 274 8.24 -5.32 -11.86
N GLY B 275 8.76 -5.65 -10.68
CA GLY B 275 8.46 -4.91 -9.46
C GLY B 275 7.10 -5.26 -8.86
N SER B 276 6.45 -6.32 -9.36
CA SER B 276 5.11 -6.70 -8.95
C SER B 276 5.19 -7.81 -7.91
N ILE B 277 4.28 -7.77 -6.94
CA ILE B 277 4.19 -8.87 -6.00
C ILE B 277 2.78 -9.44 -6.11
N ILE B 278 2.69 -10.72 -6.50
CA ILE B 278 1.39 -11.36 -6.69
C ILE B 278 1.01 -12.08 -5.39
N LYS B 279 -0.06 -11.63 -4.75
CA LYS B 279 -0.59 -12.34 -3.59
C LYS B 279 -1.26 -13.63 -4.04
N VAL B 280 -0.96 -14.72 -3.35
CA VAL B 280 -1.60 -16.01 -3.58
C VAL B 280 -2.12 -16.49 -2.23
N ASP B 281 -3.23 -15.89 -1.79
CA ASP B 281 -3.62 -16.04 -0.39
C ASP B 281 -5.10 -16.40 -0.22
N GLY B 282 -5.85 -16.65 -1.30
CA GLY B 282 -7.22 -17.11 -1.10
C GLY B 282 -8.11 -16.05 -0.42
N GLY B 283 -7.66 -14.78 -0.43
CA GLY B 283 -8.41 -13.72 0.22
C GLY B 283 -8.04 -13.48 1.70
N LEU B 284 -7.08 -14.24 2.26
CA LEU B 284 -6.82 -14.16 3.70
C LEU B 284 -6.51 -12.74 4.17
N SER B 285 -5.73 -12.01 3.36
CA SER B 285 -5.31 -10.69 3.76
C SER B 285 -6.45 -9.66 3.75
N LEU B 286 -7.62 -10.04 3.20
CA LEU B 286 -8.77 -9.15 3.17
C LEU B 286 -9.65 -9.29 4.42
N VAL B 287 -9.35 -10.24 5.30
CA VAL B 287 -10.23 -10.62 6.40
C VAL B 287 -9.84 -9.81 7.64
N HIS B 288 -10.80 -9.03 8.15
CA HIS B 288 -10.52 -8.25 9.34
C HIS B 288 -10.50 -9.11 10.60
N ALA B 289 -9.95 -8.54 11.68
CA ALA B 289 -9.90 -9.21 12.98
C ALA B 289 -11.30 -9.57 13.48
N GLU C 23 -9.02 38.79 11.18
CA GLU C 23 -10.35 38.11 11.33
C GLU C 23 -10.14 36.60 11.48
N ALA C 24 -11.14 35.96 12.09
CA ALA C 24 -11.09 34.55 12.41
C ALA C 24 -11.27 33.75 11.12
N PRO C 25 -10.51 32.65 10.92
CA PRO C 25 -10.69 31.84 9.72
C PRO C 25 -12.00 31.06 9.86
N ALA C 26 -12.47 30.49 8.74
CA ALA C 26 -13.75 29.81 8.75
C ALA C 26 -13.61 28.40 8.17
N ALA C 27 -14.42 27.48 8.70
CA ALA C 27 -14.39 26.09 8.26
C ALA C 27 -15.80 25.61 7.97
N VAL C 28 -15.92 24.75 6.93
CA VAL C 28 -17.13 23.99 6.69
C VAL C 28 -16.89 22.57 7.16
N VAL C 29 -17.81 22.02 7.99
CA VAL C 29 -17.74 20.62 8.39
C VAL C 29 -19.03 19.96 7.91
N THR C 30 -18.93 18.93 7.06
CA THR C 30 -20.15 18.23 6.65
C THR C 30 -20.57 17.18 7.68
N GLY C 31 -21.88 16.95 7.77
CA GLY C 31 -22.41 15.99 8.72
C GLY C 31 -21.97 16.31 10.15
N ALA C 32 -22.11 17.58 10.55
CA ALA C 32 -21.49 18.05 11.78
C ALA C 32 -22.45 18.13 12.97
N ALA C 33 -23.70 17.66 12.84
CA ALA C 33 -24.67 17.82 13.93
C ALA C 33 -24.36 16.87 15.08
N LYS C 34 -23.80 15.69 14.79
CA LYS C 34 -23.61 14.70 15.83
C LYS C 34 -22.26 14.00 15.68
N ARG C 35 -21.92 13.21 16.71
CA ARG C 35 -20.83 12.22 16.64
C ARG C 35 -19.52 12.88 16.23
N ILE C 36 -18.82 12.26 15.27
CA ILE C 36 -17.47 12.72 14.98
C ILE C 36 -17.48 14.12 14.38
N GLY C 37 -18.42 14.38 13.47
CA GLY C 37 -18.49 15.69 12.83
C GLY C 37 -18.75 16.81 13.85
N ARG C 38 -19.60 16.51 14.85
CA ARG C 38 -19.83 17.45 15.93
C ARG C 38 -18.55 17.73 16.71
N ALA C 39 -17.78 16.68 17.03
CA ALA C 39 -16.56 16.89 17.78
C ALA C 39 -15.53 17.71 16.99
N ILE C 40 -15.49 17.49 15.66
CA ILE C 40 -14.59 18.26 14.82
C ILE C 40 -14.99 19.74 14.84
N ALA C 41 -16.29 20.02 14.63
CA ALA C 41 -16.80 21.38 14.62
C ALA C 41 -16.47 22.10 15.92
N VAL C 42 -16.72 21.39 17.04
CA VAL C 42 -16.44 21.92 18.36
C VAL C 42 -14.96 22.23 18.51
N LYS C 43 -14.08 21.29 18.14
CA LYS C 43 -12.66 21.52 18.34
CA LYS C 43 -12.65 21.49 18.30
C LYS C 43 -12.14 22.63 17.41
N LEU C 44 -12.60 22.69 16.16
CA LEU C 44 -12.23 23.80 15.29
C LEU C 44 -12.67 25.13 15.92
N HIS C 45 -13.90 25.14 16.47
CA HIS C 45 -14.43 26.36 17.07
C HIS C 45 -13.57 26.78 18.26
N GLN C 46 -13.17 25.79 19.08
CA GLN C 46 -12.38 26.08 20.27
C GLN C 46 -10.99 26.60 19.90
N THR C 47 -10.51 26.26 18.70
CA THR C 47 -9.20 26.65 18.21
C THR C 47 -9.28 28.05 17.61
N GLY C 48 -10.51 28.56 17.39
CA GLY C 48 -10.67 29.93 16.92
C GLY C 48 -11.38 30.07 15.57
N TYR C 49 -11.85 28.96 14.99
CA TYR C 49 -12.53 29.02 13.71
C TYR C 49 -14.01 29.38 13.89
N ARG C 50 -14.55 30.08 12.89
CA ARG C 50 -15.99 30.20 12.67
C ARG C 50 -16.38 28.99 11.83
N VAL C 51 -17.57 28.43 12.11
CA VAL C 51 -17.89 27.12 11.54
CA VAL C 51 -17.89 27.12 11.56
C VAL C 51 -19.26 27.13 10.86
N VAL C 52 -19.32 26.44 9.71
CA VAL C 52 -20.57 26.07 9.07
C VAL C 52 -20.86 24.62 9.44
N ILE C 53 -21.96 24.41 10.13
CA ILE C 53 -22.42 23.08 10.52
C ILE C 53 -23.38 22.60 9.46
N HIS C 54 -22.88 21.74 8.56
CA HIS C 54 -23.77 21.14 7.56
C HIS C 54 -24.49 19.96 8.20
N TYR C 55 -25.75 19.78 7.81
CA TYR C 55 -26.49 18.59 8.24
C TYR C 55 -27.46 18.19 7.13
N HIS C 56 -28.04 16.99 7.28
CA HIS C 56 -29.04 16.49 6.35
C HIS C 56 -30.38 16.40 7.08
N ASN C 57 -30.50 15.45 8.01
CA ASN C 57 -31.77 15.25 8.70
C ASN C 57 -31.76 15.78 10.14
N SER C 58 -30.59 15.96 10.76
CA SER C 58 -30.53 16.24 12.19
C SER C 58 -30.61 17.75 12.46
N ALA C 59 -31.78 18.33 12.16
CA ALA C 59 -31.96 19.78 12.24
C ALA C 59 -31.87 20.32 13.67
N GLU C 60 -32.55 19.64 14.60
CA GLU C 60 -32.57 20.03 16.00
CA GLU C 60 -32.58 20.02 16.00
C GLU C 60 -31.16 20.03 16.57
N ALA C 61 -30.40 18.96 16.31
CA ALA C 61 -29.05 18.86 16.84
C ALA C 61 -28.11 19.91 16.22
N ALA C 62 -28.29 20.19 14.93
CA ALA C 62 -27.46 21.17 14.24
C ALA C 62 -27.69 22.55 14.86
N VAL C 63 -28.96 22.90 15.05
CA VAL C 63 -29.30 24.22 15.57
C VAL C 63 -28.83 24.35 17.03
N SER C 64 -28.99 23.27 17.80
CA SER C 64 -28.55 23.30 19.18
C SER C 64 -27.03 23.50 19.26
N LEU C 65 -26.30 22.89 18.32
CA LEU C 65 -24.86 23.07 18.30
C LEU C 65 -24.50 24.52 17.96
N ALA C 66 -25.16 25.04 16.93
CA ALA C 66 -24.90 26.43 16.53
C ALA C 66 -25.18 27.38 17.69
N ASP C 67 -26.28 27.11 18.43
CA ASP C 67 -26.63 27.91 19.60
C ASP C 67 -25.51 27.87 20.63
N GLU C 68 -25.04 26.66 20.96
CA GLU C 68 -23.99 26.45 21.95
C GLU C 68 -22.72 27.20 21.57
N LEU C 69 -22.29 27.10 20.30
CA LEU C 69 -21.07 27.75 19.87
C LEU C 69 -21.21 29.28 19.86
N ASN C 70 -22.40 29.77 19.45
CA ASN C 70 -22.65 31.20 19.37
C ASN C 70 -22.68 31.85 20.75
N LYS C 71 -23.02 31.04 21.78
CA LYS C 71 -23.01 31.51 23.16
C LYS C 71 -21.57 31.74 23.63
N GLU C 72 -20.64 30.91 23.16
CA GLU C 72 -19.23 31.06 23.48
CA GLU C 72 -19.23 31.07 23.49
C GLU C 72 -18.69 32.31 22.81
N ARG C 73 -19.00 32.48 21.51
CA ARG C 73 -18.52 33.63 20.75
C ARG C 73 -19.56 33.99 19.69
N SER C 74 -20.11 35.21 19.80
CA SER C 74 -21.22 35.61 18.94
C SER C 74 -20.82 35.58 17.46
N ASN C 75 -21.77 35.13 16.60
CA ASN C 75 -21.60 35.22 15.16
C ASN C 75 -20.45 34.34 14.66
N THR C 76 -20.32 33.14 15.26
CA THR C 76 -19.21 32.28 14.85
C THR C 76 -19.69 30.91 14.37
N ALA C 77 -21.00 30.67 14.29
CA ALA C 77 -21.49 29.37 13.86
C ALA C 77 -22.81 29.54 13.12
N VAL C 78 -22.97 28.81 12.01
CA VAL C 78 -24.22 28.77 11.26
C VAL C 78 -24.50 27.33 10.86
N VAL C 79 -25.73 27.06 10.38
CA VAL C 79 -26.13 25.76 9.88
C VAL C 79 -26.44 25.86 8.39
N CYS C 80 -26.26 24.73 7.68
CA CYS C 80 -26.56 24.64 6.27
C CYS C 80 -27.10 23.24 6.01
N GLN C 81 -28.34 23.13 5.53
CA GLN C 81 -28.90 21.81 5.29
C GLN C 81 -28.66 21.43 3.84
N ALA C 82 -28.24 20.17 3.61
CA ALA C 82 -28.23 19.65 2.25
C ALA C 82 -28.16 18.13 2.24
N ASP C 83 -28.86 17.52 1.27
CA ASP C 83 -28.73 16.11 0.95
C ASP C 83 -27.51 15.97 0.04
N LEU C 84 -26.60 15.05 0.41
CA LEU C 84 -25.38 14.83 -0.36
C LEU C 84 -25.45 13.54 -1.18
N THR C 85 -26.67 13.00 -1.32
CA THR C 85 -26.93 11.90 -2.26
C THR C 85 -26.54 12.35 -3.67
N ASN C 86 -25.97 11.42 -4.46
CA ASN C 86 -25.61 11.76 -5.84
C ASN C 86 -26.88 12.00 -6.65
N SER C 87 -26.86 13.05 -7.48
CA SER C 87 -27.96 13.41 -8.35
C SER C 87 -27.48 14.52 -9.27
N ASN C 88 -28.33 14.92 -10.22
CA ASN C 88 -27.91 15.98 -11.13
CA ASN C 88 -27.98 16.00 -11.15
C ASN C 88 -27.94 17.35 -10.45
N VAL C 89 -28.51 17.43 -9.23
CA VAL C 89 -28.55 18.70 -8.50
C VAL C 89 -27.45 18.77 -7.43
N LEU C 90 -26.69 17.69 -7.26
CA LEU C 90 -25.68 17.67 -6.22
C LEU C 90 -24.62 18.74 -6.46
N PRO C 91 -24.10 18.99 -7.69
CA PRO C 91 -23.11 20.04 -7.87
C PRO C 91 -23.58 21.40 -7.32
N ALA C 92 -24.83 21.76 -7.65
CA ALA C 92 -25.41 22.99 -7.14
C ALA C 92 -25.50 23.02 -5.62
N SER C 93 -25.92 21.91 -4.99
CA SER C 93 -26.00 21.82 -3.54
C SER C 93 -24.64 22.07 -2.92
N CYS C 94 -23.60 21.46 -3.50
CA CYS C 94 -22.26 21.59 -2.93
C CYS C 94 -21.71 23.00 -3.08
N GLU C 95 -21.98 23.65 -4.22
CA GLU C 95 -21.64 25.04 -4.40
C GLU C 95 -22.31 25.89 -3.31
N GLU C 96 -23.58 25.56 -2.98
CA GLU C 96 -24.30 26.36 -2.01
CA GLU C 96 -24.40 26.23 -1.98
C GLU C 96 -23.74 26.13 -0.60
N ILE C 97 -23.21 24.93 -0.30
CA ILE C 97 -22.63 24.72 1.02
C ILE C 97 -21.41 25.63 1.19
N ILE C 98 -20.53 25.66 0.17
CA ILE C 98 -19.35 26.52 0.25
C ILE C 98 -19.82 27.98 0.31
N ASN C 99 -20.81 28.32 -0.51
CA ASN C 99 -21.30 29.69 -0.56
CA ASN C 99 -21.35 29.67 -0.56
C ASN C 99 -21.82 30.11 0.81
N SER C 100 -22.37 29.17 1.59
CA SER C 100 -22.93 29.54 2.88
CA SER C 100 -22.91 29.49 2.90
C SER C 100 -21.84 30.08 3.81
N CYS C 101 -20.62 29.54 3.70
CA CYS C 101 -19.48 29.99 4.48
C CYS C 101 -19.12 31.43 4.07
N PHE C 102 -19.08 31.71 2.76
CA PHE C 102 -18.75 33.05 2.32
C PHE C 102 -19.85 34.05 2.70
N ARG C 103 -21.12 33.64 2.62
CA ARG C 103 -22.25 34.54 2.94
C ARG C 103 -22.17 34.95 4.40
N ALA C 104 -21.83 34.01 5.29
CA ALA C 104 -21.81 34.26 6.73
C ALA C 104 -20.52 34.94 7.16
N PHE C 105 -19.36 34.48 6.63
CA PHE C 105 -18.08 34.78 7.25
C PHE C 105 -17.10 35.47 6.29
N GLY C 106 -17.44 35.50 5.00
CA GLY C 106 -16.65 36.25 4.05
C GLY C 106 -15.39 35.53 3.54
N ARG C 107 -15.20 34.28 4.00
CA ARG C 107 -14.00 33.53 3.67
C ARG C 107 -14.30 32.07 3.96
N CYS C 108 -13.46 31.17 3.43
CA CYS C 108 -13.58 29.75 3.74
C CYS C 108 -12.18 29.14 3.67
N ASP C 109 -11.63 28.80 4.84
CA ASP C 109 -10.23 28.40 4.95
C ASP C 109 -10.06 26.88 4.99
N VAL C 110 -11.04 26.17 5.58
CA VAL C 110 -10.93 24.74 5.81
C VAL C 110 -12.25 24.08 5.40
N LEU C 111 -12.11 22.93 4.73
CA LEU C 111 -13.23 22.06 4.44
C LEU C 111 -12.95 20.71 5.09
N VAL C 112 -13.91 20.19 5.88
CA VAL C 112 -13.81 18.85 6.44
C VAL C 112 -14.94 18.00 5.84
N ASN C 113 -14.56 17.03 4.99
CA ASN C 113 -15.53 16.12 4.41
C ASN C 113 -15.75 14.93 5.35
N ASN C 114 -16.79 15.03 6.17
CA ASN C 114 -17.09 14.07 7.23
C ASN C 114 -18.38 13.30 6.96
N ALA C 115 -19.37 13.92 6.32
CA ALA C 115 -20.69 13.28 6.17
C ALA C 115 -20.53 11.95 5.44
N SER C 116 -21.33 10.95 5.83
CA SER C 116 -21.12 9.63 5.27
C SER C 116 -22.33 8.75 5.51
N ALA C 117 -22.83 8.13 4.43
CA ALA C 117 -23.74 7.01 4.57
C ALA C 117 -22.94 5.72 4.79
N PHE C 118 -23.50 4.82 5.59
CA PHE C 118 -22.81 3.59 5.95
C PHE C 118 -23.84 2.52 6.24
N TYR C 119 -23.97 1.56 5.31
CA TYR C 119 -24.85 0.42 5.49
C TYR C 119 -24.49 -0.65 4.47
N PRO C 120 -24.88 -1.91 4.70
CA PRO C 120 -24.49 -2.98 3.79
C PRO C 120 -25.28 -2.94 2.49
N THR C 121 -24.59 -3.35 1.41
CA THR C 121 -25.14 -3.44 0.08
C THR C 121 -24.67 -4.76 -0.50
N PRO C 122 -25.30 -5.90 -0.13
CA PRO C 122 -24.86 -7.21 -0.59
C PRO C 122 -24.86 -7.31 -2.12
N LEU C 123 -23.90 -8.08 -2.64
CA LEU C 123 -23.82 -8.26 -4.08
C LEU C 123 -24.94 -9.17 -4.57
N VAL C 124 -25.40 -10.06 -3.69
CA VAL C 124 -26.54 -10.90 -4.00
C VAL C 124 -27.68 -10.45 -3.10
N GLN C 125 -28.60 -9.67 -3.70
CA GLN C 125 -29.76 -9.10 -3.02
C GLN C 125 -31.04 -9.85 -3.48
N LYS C 135 -34.38 -0.10 -0.05
CA LYS C 135 -33.82 0.87 -1.03
C LYS C 135 -33.47 0.15 -2.33
N THR C 136 -33.75 0.81 -3.47
CA THR C 136 -33.33 0.31 -4.78
C THR C 136 -31.80 0.37 -4.84
N VAL C 137 -31.23 -0.44 -5.74
CA VAL C 137 -29.79 -0.47 -5.92
CA VAL C 137 -29.78 -0.46 -5.88
C VAL C 137 -29.32 0.91 -6.37
N GLU C 138 -30.09 1.57 -7.24
CA GLU C 138 -29.65 2.89 -7.67
C GLU C 138 -29.63 3.90 -6.51
N THR C 139 -30.56 3.77 -5.54
CA THR C 139 -30.54 4.62 -4.35
C THR C 139 -29.29 4.34 -3.52
N GLN C 140 -28.95 3.05 -3.39
CA GLN C 140 -27.79 2.62 -2.62
CA GLN C 140 -27.80 2.65 -2.60
C GLN C 140 -26.53 3.24 -3.22
N VAL C 141 -26.39 3.11 -4.55
CA VAL C 141 -25.28 3.74 -5.26
C VAL C 141 -25.28 5.25 -4.97
N ALA C 142 -26.43 5.91 -5.17
CA ALA C 142 -26.47 7.36 -5.03
C ALA C 142 -26.05 7.82 -3.63
N GLU C 143 -26.54 7.13 -2.61
CA GLU C 143 -26.27 7.54 -1.24
C GLU C 143 -24.83 7.25 -0.85
N LEU C 144 -24.36 6.02 -1.13
CA LEU C 144 -23.06 5.62 -0.62
C LEU C 144 -21.94 6.27 -1.43
N ILE C 145 -22.08 6.35 -2.76
CA ILE C 145 -21.01 6.95 -3.55
C ILE C 145 -21.15 8.46 -3.53
N GLY C 146 -22.40 8.98 -3.44
CA GLY C 146 -22.61 10.40 -3.31
C GLY C 146 -21.97 10.98 -2.05
N THR C 147 -22.35 10.46 -0.88
CA THR C 147 -21.87 11.05 0.36
C THR C 147 -20.37 10.86 0.55
N ASN C 148 -19.85 9.66 0.22
CA ASN C 148 -18.48 9.33 0.57
C ASN C 148 -17.46 9.82 -0.44
N ALA C 149 -17.89 10.07 -1.69
CA ALA C 149 -16.91 10.39 -2.73
C ALA C 149 -17.32 11.57 -3.61
N ILE C 150 -18.51 11.52 -4.20
CA ILE C 150 -18.87 12.52 -5.21
C ILE C 150 -19.07 13.89 -4.54
N ALA C 151 -19.79 13.93 -3.42
CA ALA C 151 -19.97 15.21 -2.74
C ALA C 151 -18.63 15.76 -2.27
N PRO C 152 -17.71 14.97 -1.67
CA PRO C 152 -16.37 15.50 -1.38
C PRO C 152 -15.67 16.09 -2.59
N PHE C 153 -15.78 15.46 -3.76
CA PHE C 153 -15.17 15.99 -4.97
C PHE C 153 -15.77 17.35 -5.32
N LEU C 154 -17.10 17.42 -5.35
CA LEU C 154 -17.78 18.64 -5.75
C LEU C 154 -17.51 19.77 -4.76
N LEU C 155 -17.51 19.45 -3.45
CA LEU C 155 -17.16 20.42 -2.43
C LEU C 155 -15.72 20.91 -2.61
N THR C 156 -14.82 19.98 -3.00
CA THR C 156 -13.42 20.31 -3.19
C THR C 156 -13.29 21.29 -4.35
N MET C 157 -14.02 21.00 -5.43
CA MET C 157 -14.03 21.87 -6.58
CA MET C 157 -14.08 21.86 -6.60
C MET C 157 -14.53 23.28 -6.20
N SER C 158 -15.65 23.36 -5.49
CA SER C 158 -16.23 24.65 -5.14
C SER C 158 -15.30 25.42 -4.20
N PHE C 159 -14.68 24.71 -3.25
CA PHE C 159 -13.75 25.32 -2.31
C PHE C 159 -12.57 25.90 -3.07
N ALA C 160 -12.01 25.10 -3.97
CA ALA C 160 -10.82 25.50 -4.71
C ALA C 160 -11.12 26.69 -5.60
N GLN C 161 -12.29 26.70 -6.25
CA GLN C 161 -12.59 27.71 -7.25
CA GLN C 161 -12.63 27.71 -7.25
C GLN C 161 -12.58 29.11 -6.62
N ARG C 162 -12.84 29.17 -5.31
CA ARG C 162 -12.77 30.43 -4.57
C ARG C 162 -11.34 30.88 -4.36
N GLN C 163 -10.39 29.95 -4.32
CA GLN C 163 -9.07 30.29 -3.81
C GLN C 163 -8.04 30.13 -4.94
N SER C 173 -1.99 32.77 4.66
CA SER C 173 -3.19 31.89 4.62
C SER C 173 -2.78 30.46 4.97
N ASN C 174 -3.74 29.70 5.51
CA ASN C 174 -3.52 28.30 5.85
C ASN C 174 -4.73 27.49 5.41
N LEU C 175 -4.82 27.26 4.11
CA LEU C 175 -6.00 26.62 3.53
C LEU C 175 -5.81 25.12 3.50
N SER C 176 -6.82 24.37 3.93
CA SER C 176 -6.67 22.93 3.77
C SER C 176 -8.02 22.21 3.79
N ILE C 177 -7.98 20.98 3.27
CA ILE C 177 -9.12 20.07 3.24
C ILE C 177 -8.70 18.82 4.01
N VAL C 178 -9.63 18.34 4.85
CA VAL C 178 -9.43 17.07 5.55
C VAL C 178 -10.60 16.15 5.21
N ASN C 179 -10.25 14.96 4.70
CA ASN C 179 -11.24 13.96 4.31
C ASN C 179 -11.26 12.87 5.37
N LEU C 180 -12.46 12.50 5.82
CA LEU C 180 -12.63 11.40 6.76
C LEU C 180 -12.70 10.09 5.99
N CYS C 181 -11.63 9.31 6.16
CA CYS C 181 -11.39 8.08 5.42
C CYS C 181 -11.73 6.94 6.36
N ASP C 182 -11.12 5.76 6.13
CA ASP C 182 -11.47 4.60 6.94
C ASP C 182 -10.25 3.68 6.95
N ALA C 183 -9.69 3.43 8.14
CA ALA C 183 -8.46 2.64 8.25
C ALA C 183 -8.66 1.18 7.85
N MET C 184 -9.90 0.71 7.71
CA MET C 184 -10.16 -0.71 7.53
C MET C 184 -10.57 -1.04 6.09
N VAL C 185 -10.32 -0.14 5.14
CA VAL C 185 -10.87 -0.35 3.81
C VAL C 185 -10.15 -1.44 3.02
N ASP C 186 -8.95 -1.85 3.48
CA ASP C 186 -8.29 -2.98 2.83
C ASP C 186 -8.62 -4.31 3.51
N GLN C 187 -9.39 -4.26 4.59
CA GLN C 187 -9.89 -5.47 5.22
C GLN C 187 -11.36 -5.24 5.50
N PRO C 188 -12.18 -5.14 4.43
CA PRO C 188 -13.53 -4.60 4.57
C PRO C 188 -14.54 -5.50 5.30
N CYS C 189 -15.56 -4.87 5.86
CA CYS C 189 -16.67 -5.67 6.38
C CYS C 189 -17.40 -6.35 5.23
N MET C 190 -17.83 -7.58 5.49
CA MET C 190 -18.59 -8.37 4.55
C MET C 190 -19.82 -7.57 4.09
N ALA C 191 -20.04 -7.51 2.76
CA ALA C 191 -21.26 -6.95 2.18
C ALA C 191 -21.32 -5.42 2.20
N PHE C 192 -20.16 -4.76 2.35
CA PHE C 192 -20.13 -3.30 2.32
C PHE C 192 -19.39 -2.81 1.07
N SER C 193 -19.68 -3.38 -0.10
CA SER C 193 -18.94 -3.04 -1.32
CA SER C 193 -18.89 -3.03 -1.27
C SER C 193 -19.07 -1.56 -1.66
N LEU C 194 -20.30 -1.04 -1.68
CA LEU C 194 -20.45 0.34 -2.11
C LEU C 194 -19.78 1.32 -1.17
N TYR C 195 -19.93 1.12 0.15
CA TYR C 195 -19.27 1.95 1.14
C TYR C 195 -17.76 1.90 0.89
N ASN C 196 -17.22 0.71 0.68
CA ASN C 196 -15.77 0.58 0.54
CA ASN C 196 -15.79 0.50 0.51
C ASN C 196 -15.31 1.23 -0.74
N MET C 197 -16.12 1.11 -1.81
CA MET C 197 -15.78 1.80 -3.05
C MET C 197 -15.72 3.31 -2.82
N GLY C 198 -16.68 3.85 -2.06
CA GLY C 198 -16.74 5.29 -1.82
C GLY C 198 -15.51 5.75 -1.05
N LYS C 199 -15.12 4.98 -0.04
CA LYS C 199 -13.98 5.37 0.79
C LYS C 199 -12.66 5.22 0.01
N HIS C 200 -12.55 4.20 -0.85
CA HIS C 200 -11.35 4.12 -1.67
C HIS C 200 -11.33 5.30 -2.63
N ALA C 201 -12.49 5.66 -3.19
CA ALA C 201 -12.53 6.82 -4.08
C ALA C 201 -12.06 8.08 -3.34
N LEU C 202 -12.43 8.19 -2.06
CA LEU C 202 -12.04 9.33 -1.25
C LEU C 202 -10.52 9.39 -1.04
N VAL C 203 -9.84 8.24 -0.95
CA VAL C 203 -8.37 8.22 -0.90
C VAL C 203 -7.83 8.77 -2.23
N GLY C 204 -8.43 8.32 -3.33
CA GLY C 204 -7.99 8.81 -4.62
C GLY C 204 -8.17 10.32 -4.74
N LEU C 205 -9.30 10.82 -4.25
CA LEU C 205 -9.53 12.26 -4.30
C LEU C 205 -8.48 12.98 -3.44
N THR C 206 -8.18 12.45 -2.26
CA THR C 206 -7.23 13.08 -1.35
C THR C 206 -5.89 13.25 -2.09
N GLN C 207 -5.45 12.20 -2.77
CA GLN C 207 -4.17 12.21 -3.47
C GLN C 207 -4.20 13.15 -4.68
N SER C 208 -5.21 12.98 -5.54
CA SER C 208 -5.31 13.78 -6.77
C SER C 208 -5.47 15.26 -6.43
N ALA C 209 -6.31 15.59 -5.44
CA ALA C 209 -6.52 17.00 -5.08
C ALA C 209 -5.28 17.58 -4.40
N ALA C 210 -4.57 16.79 -3.58
CA ALA C 210 -3.34 17.26 -2.97
C ALA C 210 -2.39 17.70 -4.08
N LEU C 211 -2.23 16.86 -5.09
CA LEU C 211 -1.31 17.18 -6.18
C LEU C 211 -1.73 18.46 -6.90
N GLU C 212 -3.03 18.54 -7.25
CA GLU C 212 -3.52 19.58 -8.13
C GLU C 212 -3.67 20.91 -7.40
N LEU C 213 -3.92 20.90 -6.09
CA LEU C 213 -4.16 22.14 -5.38
C LEU C 213 -2.91 22.65 -4.66
N ALA C 214 -1.83 21.86 -4.68
CA ALA C 214 -0.57 22.28 -4.06
C ALA C 214 -0.10 23.63 -4.60
N PRO C 215 -0.21 23.95 -5.91
CA PRO C 215 0.26 25.24 -6.41
C PRO C 215 -0.47 26.43 -5.78
N TYR C 216 -1.68 26.21 -5.26
CA TYR C 216 -2.50 27.26 -4.65
C TYR C 216 -2.30 27.31 -3.14
N GLY C 217 -1.44 26.43 -2.63
CA GLY C 217 -1.14 26.35 -1.21
C GLY C 217 -2.25 25.63 -0.43
N ILE C 218 -3.16 24.92 -1.10
CA ILE C 218 -4.24 24.21 -0.41
C ILE C 218 -3.74 22.80 -0.13
N ARG C 219 -3.62 22.43 1.15
CA ARG C 219 -3.19 21.08 1.49
C ARG C 219 -4.44 20.20 1.57
N VAL C 220 -4.29 18.92 1.20
CA VAL C 220 -5.42 18.00 1.23
C VAL C 220 -4.95 16.71 1.88
N ASN C 221 -5.60 16.37 3.01
CA ASN C 221 -5.15 15.22 3.82
C ASN C 221 -6.36 14.44 4.29
N GLY C 222 -6.09 13.28 4.91
CA GLY C 222 -7.16 12.42 5.40
C GLY C 222 -6.88 12.00 6.83
N VAL C 223 -7.96 11.67 7.53
CA VAL C 223 -7.89 11.03 8.83
C VAL C 223 -8.72 9.78 8.72
N ALA C 224 -8.10 8.63 9.10
CA ALA C 224 -8.73 7.34 8.87
C ALA C 224 -8.99 6.68 10.22
N PRO C 225 -10.21 6.83 10.80
CA PRO C 225 -10.55 6.11 12.03
C PRO C 225 -10.59 4.62 11.73
N GLY C 226 -10.42 3.82 12.79
CA GLY C 226 -10.74 2.40 12.72
C GLY C 226 -12.15 2.16 13.25
N VAL C 227 -12.24 1.80 14.53
CA VAL C 227 -13.51 1.91 15.21
C VAL C 227 -13.46 3.10 16.17
N SER C 228 -14.42 4.00 15.96
CA SER C 228 -14.66 5.12 16.84
C SER C 228 -16.08 4.92 17.35
N LEU C 229 -16.90 5.97 17.38
CA LEU C 229 -18.25 5.80 17.89
C LEU C 229 -18.98 4.73 17.07
N LEU C 230 -19.45 3.69 17.76
CA LEU C 230 -20.09 2.58 17.08
C LEU C 230 -21.52 2.96 16.70
N PRO C 231 -22.17 2.22 15.77
CA PRO C 231 -23.49 2.59 15.26
C PRO C 231 -24.51 2.63 16.40
N VAL C 232 -25.36 3.66 16.38
CA VAL C 232 -26.34 3.86 17.43
C VAL C 232 -27.24 2.64 17.58
N ALA C 233 -27.49 1.93 16.47
CA ALA C 233 -28.41 0.80 16.47
C ALA C 233 -27.75 -0.47 17.01
N MET C 234 -26.43 -0.45 17.20
CA MET C 234 -25.71 -1.68 17.52
C MET C 234 -25.88 -1.99 19.01
N GLY C 235 -26.22 -3.24 19.33
CA GLY C 235 -26.28 -3.66 20.73
C GLY C 235 -24.89 -3.60 21.37
N GLU C 236 -24.86 -3.47 22.71
CA GLU C 236 -23.62 -3.36 23.46
CA GLU C 236 -23.62 -3.35 23.45
C GLU C 236 -22.79 -4.63 23.34
N GLU C 237 -23.45 -5.79 23.24
CA GLU C 237 -22.71 -7.05 23.12
C GLU C 237 -21.86 -7.02 21.86
N GLU C 238 -22.47 -6.57 20.76
CA GLU C 238 -21.78 -6.51 19.49
C GLU C 238 -20.73 -5.40 19.51
N LYS C 239 -21.04 -4.28 20.14
CA LYS C 239 -20.06 -3.21 20.30
C LYS C 239 -18.82 -3.76 21.01
N ASP C 240 -19.05 -4.56 22.05
CA ASP C 240 -17.96 -5.09 22.84
C ASP C 240 -17.08 -6.03 22.01
N LYS C 241 -17.68 -6.74 21.04
CA LYS C 241 -16.91 -7.65 20.21
C LYS C 241 -15.92 -6.82 19.39
N TRP C 242 -16.35 -5.63 18.97
CA TRP C 242 -15.42 -4.78 18.23
C TRP C 242 -14.35 -4.20 19.13
N ARG C 243 -14.75 -3.72 20.31
CA ARG C 243 -13.82 -3.10 21.26
C ARG C 243 -12.68 -4.07 21.57
N ARG C 244 -13.03 -5.35 21.76
CA ARG C 244 -12.08 -6.38 22.17
C ARG C 244 -11.01 -6.62 21.11
N LYS C 245 -11.23 -6.20 19.85
CA LYS C 245 -10.27 -6.43 18.77
C LYS C 245 -9.16 -5.38 18.78
N VAL C 246 -9.36 -4.26 19.47
CA VAL C 246 -8.42 -3.14 19.34
C VAL C 246 -7.21 -3.31 20.25
N PRO C 247 -5.98 -3.42 19.71
CA PRO C 247 -4.80 -3.62 20.55
C PRO C 247 -4.56 -2.57 21.62
N LEU C 248 -4.76 -1.29 21.25
CA LEU C 248 -4.44 -0.21 22.17
C LEU C 248 -5.64 0.09 23.06
N GLY C 249 -5.77 -0.66 24.15
CA GLY C 249 -6.74 -0.30 25.18
C GLY C 249 -8.09 -1.01 25.06
N ARG C 250 -8.28 -1.83 24.01
CA ARG C 250 -9.48 -2.64 23.85
C ARG C 250 -10.74 -1.75 23.97
N ARG C 251 -10.71 -0.63 23.25
CA ARG C 251 -11.81 0.32 23.25
CA ARG C 251 -11.81 0.33 23.25
C ARG C 251 -11.80 1.05 21.91
N GLU C 252 -12.96 1.64 21.57
CA GLU C 252 -13.03 2.50 20.40
C GLU C 252 -12.43 3.88 20.69
N ALA C 253 -12.05 4.58 19.62
CA ALA C 253 -11.64 5.98 19.71
C ALA C 253 -12.80 6.86 20.14
N SER C 254 -12.52 7.82 21.01
CA SER C 254 -13.53 8.86 21.22
C SER C 254 -13.59 9.75 19.99
N ALA C 255 -14.74 10.43 19.81
CA ALA C 255 -14.83 11.40 18.73
C ALA C 255 -13.74 12.46 18.87
N GLU C 256 -13.44 12.84 20.12
CA GLU C 256 -12.41 13.83 20.44
CA GLU C 256 -12.42 13.85 20.41
C GLU C 256 -11.06 13.39 19.89
N GLN C 257 -10.75 12.10 20.00
CA GLN C 257 -9.45 11.62 19.53
C GLN C 257 -9.36 11.73 18.01
N ILE C 258 -10.47 11.48 17.31
CA ILE C 258 -10.45 11.66 15.86
C ILE C 258 -10.28 13.15 15.53
N ALA C 259 -11.03 14.00 16.23
CA ALA C 259 -10.94 15.43 16.05
C ALA C 259 -9.52 15.96 16.28
N ASP C 260 -8.80 15.41 17.26
CA ASP C 260 -7.42 15.83 17.52
C ASP C 260 -6.55 15.68 16.26
N ALA C 261 -6.74 14.61 15.47
CA ALA C 261 -5.92 14.43 14.28
C ALA C 261 -6.32 15.43 13.19
N VAL C 262 -7.61 15.75 13.10
CA VAL C 262 -8.07 16.77 12.16
C VAL C 262 -7.43 18.11 12.51
N ILE C 263 -7.48 18.47 13.80
CA ILE C 263 -6.90 19.73 14.28
C ILE C 263 -5.42 19.80 13.94
N PHE C 264 -4.67 18.69 14.13
CA PHE C 264 -3.25 18.70 13.77
C PHE C 264 -3.09 19.03 12.28
N LEU C 265 -3.88 18.35 11.44
CA LEU C 265 -3.69 18.51 10.01
C LEU C 265 -4.04 19.90 9.51
N VAL C 266 -4.98 20.60 10.18
CA VAL C 266 -5.32 21.94 9.73
C VAL C 266 -4.31 22.95 10.26
N SER C 267 -3.55 22.57 11.30
CA SER C 267 -2.68 23.48 12.04
C SER C 267 -1.42 23.86 11.28
N GLY C 268 -0.72 24.87 11.82
CA GLY C 268 0.60 25.27 11.36
C GLY C 268 1.65 24.18 11.56
N SER C 269 1.39 23.19 12.43
CA SER C 269 2.34 22.11 12.65
C SER C 269 2.33 21.07 11.52
N ALA C 270 1.42 21.26 10.54
CA ALA C 270 1.28 20.33 9.43
C ALA C 270 1.47 21.04 8.09
N GLN C 271 2.21 22.15 8.08
CA GLN C 271 2.32 23.03 6.92
C GLN C 271 2.99 22.38 5.72
N TYR C 272 3.76 21.29 5.92
CA TYR C 272 4.41 20.64 4.79
C TYR C 272 3.69 19.35 4.44
N ILE C 273 2.59 19.04 5.16
CA ILE C 273 1.92 17.77 4.95
C ILE C 273 0.77 17.94 3.95
N THR C 274 0.83 17.21 2.83
CA THR C 274 -0.30 17.14 1.91
C THR C 274 -0.30 15.75 1.29
N GLY C 275 -1.52 15.25 1.03
CA GLY C 275 -1.71 13.94 0.43
C GLY C 275 -1.48 12.78 1.41
N SER C 276 -1.42 13.11 2.70
CA SER C 276 -1.19 12.12 3.76
C SER C 276 -2.52 11.71 4.38
N ILE C 277 -2.60 10.44 4.77
CA ILE C 277 -3.76 9.95 5.49
C ILE C 277 -3.28 9.39 6.82
N ILE C 278 -3.73 10.00 7.92
CA ILE C 278 -3.28 9.60 9.25
C ILE C 278 -4.29 8.60 9.82
N LYS C 279 -3.83 7.36 10.03
CA LYS C 279 -4.70 6.38 10.67
C LYS C 279 -4.78 6.68 12.16
N VAL C 280 -6.01 6.58 12.71
CA VAL C 280 -6.26 6.81 14.11
C VAL C 280 -7.10 5.63 14.60
N ASP C 281 -6.44 4.46 14.75
CA ASP C 281 -7.19 3.23 14.83
C ASP C 281 -6.75 2.32 15.99
N GLY C 282 -5.82 2.77 16.83
CA GLY C 282 -5.49 1.94 17.99
C GLY C 282 -4.83 0.62 17.63
N GLY C 283 -4.31 0.54 16.40
CA GLY C 283 -3.67 -0.67 15.88
C GLY C 283 -4.63 -1.69 15.28
N LEU C 284 -5.94 -1.36 15.18
CA LEU C 284 -6.93 -2.33 14.70
C LEU C 284 -6.59 -2.90 13.31
N SER C 285 -6.12 -2.05 12.39
CA SER C 285 -5.82 -2.50 11.04
C SER C 285 -4.62 -3.44 10.97
N LEU C 286 -3.85 -3.55 12.06
CA LEU C 286 -2.70 -4.43 12.11
C LEU C 286 -3.08 -5.85 12.52
N VAL C 287 -4.32 -6.07 12.94
CA VAL C 287 -4.68 -7.35 13.56
C VAL C 287 -5.17 -8.30 12.49
N HIS C 288 -4.53 -9.48 12.38
CA HIS C 288 -4.97 -10.46 11.40
C HIS C 288 -6.26 -11.15 11.83
N ALA C 289 -6.88 -11.87 10.87
CA ALA C 289 -8.10 -12.64 11.07
C ALA C 289 -7.92 -13.66 12.18
N GLU D 23 7.55 15.80 37.66
CA GLU D 23 8.94 15.76 37.12
C GLU D 23 8.89 15.47 35.63
N ALA D 24 9.98 15.81 34.94
CA ALA D 24 9.92 15.89 33.48
C ALA D 24 10.13 14.51 32.85
N PRO D 25 9.40 14.18 31.76
CA PRO D 25 9.65 12.92 31.06
C PRO D 25 10.98 13.03 30.31
N ALA D 26 11.51 11.88 29.88
CA ALA D 26 12.79 11.87 29.20
C ALA D 26 12.67 11.17 27.86
N ALA D 27 13.49 11.63 26.89
CA ALA D 27 13.49 11.07 25.54
C ALA D 27 14.92 10.71 25.11
N VAL D 28 15.07 9.62 24.35
CA VAL D 28 16.31 9.32 23.64
C VAL D 28 16.09 9.66 22.18
N VAL D 29 17.00 10.45 21.61
CA VAL D 29 16.96 10.70 20.18
C VAL D 29 18.27 10.18 19.58
N THR D 30 18.18 9.23 18.65
CA THR D 30 19.40 8.75 18.03
C THR D 30 19.85 9.68 16.93
N GLY D 31 21.18 9.78 16.74
CA GLY D 31 21.72 10.66 15.72
C GLY D 31 21.26 12.11 15.90
N ALA D 32 21.38 12.63 17.13
CA ALA D 32 20.71 13.87 17.50
C ALA D 32 21.64 15.09 17.43
N ALA D 33 22.88 14.92 16.98
CA ALA D 33 23.83 16.03 17.10
C ALA D 33 23.60 17.07 16.01
N LYS D 34 23.02 16.63 14.88
CA LYS D 34 22.89 17.53 13.75
C LYS D 34 21.54 17.33 13.05
N ARG D 35 21.20 18.28 12.18
CA ARG D 35 20.18 18.09 11.16
C ARG D 35 18.84 17.76 11.82
N ILE D 36 18.14 16.74 11.30
CA ILE D 36 16.78 16.50 11.74
C ILE D 36 16.75 16.03 13.19
N GLY D 37 17.70 15.16 13.59
CA GLY D 37 17.68 14.66 14.95
C GLY D 37 17.91 15.78 15.96
N ARG D 38 18.73 16.77 15.57
CA ARG D 38 18.95 17.92 16.44
C ARG D 38 17.65 18.70 16.61
N ALA D 39 16.92 18.96 15.51
CA ALA D 39 15.66 19.69 15.58
C ALA D 39 14.66 18.94 16.44
N ILE D 40 14.66 17.61 16.35
CA ILE D 40 13.75 16.80 17.14
C ILE D 40 14.10 16.94 18.63
N ALA D 41 15.39 16.80 18.97
CA ALA D 41 15.81 16.93 20.36
C ALA D 41 15.46 18.30 20.93
N VAL D 42 15.71 19.36 20.16
CA VAL D 42 15.39 20.72 20.58
C VAL D 42 13.88 20.85 20.85
N LYS D 43 13.05 20.40 19.91
CA LYS D 43 11.62 20.58 20.06
CA LYS D 43 11.62 20.56 20.04
C LYS D 43 11.10 19.76 21.24
N LEU D 44 11.64 18.55 21.43
CA LEU D 44 11.27 17.76 22.60
C LEU D 44 11.64 18.51 23.87
N HIS D 45 12.84 19.08 23.91
CA HIS D 45 13.31 19.80 25.08
C HIS D 45 12.40 21.01 25.34
N GLN D 46 12.02 21.71 24.27
CA GLN D 46 11.15 22.88 24.36
C GLN D 46 9.77 22.48 24.88
N THR D 47 9.37 21.22 24.66
CA THR D 47 8.08 20.70 25.08
C THR D 47 8.15 20.26 26.55
N GLY D 48 9.37 20.24 27.12
CA GLY D 48 9.55 19.93 28.54
C GLY D 48 10.26 18.61 28.82
N TYR D 49 10.78 17.96 27.77
CA TYR D 49 11.45 16.68 27.97
C TYR D 49 12.92 16.90 28.33
N ARG D 50 13.43 15.99 29.15
CA ARG D 50 14.87 15.79 29.30
C ARG D 50 15.34 14.85 28.19
N VAL D 51 16.54 15.09 27.65
CA VAL D 51 16.93 14.42 26.42
C VAL D 51 18.31 13.77 26.53
N VAL D 52 18.41 12.57 25.93
CA VAL D 52 19.67 11.92 25.60
C VAL D 52 19.97 12.17 24.13
N ILE D 53 21.10 12.84 23.88
CA ILE D 53 21.58 13.15 22.55
C ILE D 53 22.56 12.06 22.18
N HIS D 54 22.08 11.06 21.45
CA HIS D 54 22.97 10.03 20.95
C HIS D 54 23.76 10.57 19.75
N TYR D 55 25.03 10.16 19.66
CA TYR D 55 25.81 10.48 18.47
C TYR D 55 26.81 9.35 18.23
N HIS D 56 27.42 9.40 17.04
CA HIS D 56 28.43 8.40 16.73
C HIS D 56 29.77 9.11 16.53
N ASN D 57 29.88 9.91 15.46
CA ASN D 57 31.11 10.63 15.19
C ASN D 57 31.05 12.09 15.66
N SER D 58 29.86 12.68 15.78
CA SER D 58 29.76 14.14 15.91
C SER D 58 29.80 14.57 17.37
N ALA D 59 30.94 14.37 18.02
CA ALA D 59 31.05 14.57 19.46
C ALA D 59 30.93 16.06 19.80
N GLU D 60 31.64 16.90 19.05
CA GLU D 60 31.64 18.32 19.35
C GLU D 60 30.23 18.89 19.21
N ALA D 61 29.52 18.49 18.14
CA ALA D 61 28.17 18.98 17.92
C ALA D 61 27.22 18.49 19.01
N ALA D 62 27.38 17.24 19.45
CA ALA D 62 26.51 16.69 20.47
C ALA D 62 26.68 17.44 21.79
N VAL D 63 27.95 17.71 22.15
CA VAL D 63 28.21 18.39 23.42
C VAL D 63 27.72 19.83 23.34
N SER D 64 27.88 20.46 22.16
CA SER D 64 27.45 21.83 21.93
C SER D 64 25.94 21.94 22.15
N LEU D 65 25.20 21.01 21.56
CA LEU D 65 23.77 20.97 21.75
C LEU D 65 23.41 20.74 23.22
N ALA D 66 24.06 19.76 23.88
CA ALA D 66 23.73 19.49 25.27
C ALA D 66 23.97 20.75 26.12
N ASP D 67 25.04 21.49 25.80
CA ASP D 67 25.36 22.72 26.52
C ASP D 67 24.26 23.76 26.34
N GLU D 68 23.79 23.94 25.09
CA GLU D 68 22.71 24.88 24.82
C GLU D 68 21.44 24.51 25.58
N LEU D 69 21.12 23.22 25.64
CA LEU D 69 19.89 22.81 26.30
C LEU D 69 20.01 22.93 27.82
N ASN D 70 21.21 22.62 28.35
CA ASN D 70 21.43 22.72 29.79
C ASN D 70 21.47 24.19 30.23
N LYS D 71 21.89 25.09 29.32
CA LYS D 71 21.89 26.51 29.62
C LYS D 71 20.45 27.00 29.80
N GLU D 72 19.51 26.38 29.07
CA GLU D 72 18.11 26.74 29.11
CA GLU D 72 18.11 26.77 29.12
C GLU D 72 17.48 26.17 30.39
N ARG D 73 17.73 24.89 30.66
CA ARG D 73 17.24 24.24 31.86
C ARG D 73 18.33 23.29 32.38
N SER D 74 18.92 23.62 33.54
CA SER D 74 20.03 22.83 34.04
CA SER D 74 20.02 22.83 34.08
C SER D 74 19.64 21.36 34.18
N ASN D 75 20.59 20.47 33.85
CA ASN D 75 20.51 19.05 34.10
C ASN D 75 19.39 18.37 33.30
N THR D 76 19.19 18.82 32.05
CA THR D 76 18.10 18.26 31.26
C THR D 76 18.62 17.57 30.00
N ALA D 77 19.93 17.60 29.75
CA ALA D 77 20.48 17.03 28.52
C ALA D 77 21.79 16.30 28.81
N VAL D 78 21.95 15.12 28.21
CA VAL D 78 23.20 14.37 28.28
C VAL D 78 23.51 13.83 26.89
N VAL D 79 24.77 13.49 26.64
CA VAL D 79 25.16 12.87 25.39
C VAL D 79 25.44 11.39 25.62
N CYS D 80 25.33 10.60 24.55
CA CYS D 80 25.65 9.18 24.63
C CYS D 80 26.23 8.73 23.29
N GLN D 81 27.48 8.25 23.28
CA GLN D 81 28.12 7.82 22.04
C GLN D 81 27.84 6.33 21.78
N ALA D 82 27.46 6.01 20.53
CA ALA D 82 27.37 4.61 20.16
C ALA D 82 27.40 4.46 18.64
N ASP D 83 28.06 3.39 18.20
CA ASP D 83 28.03 2.95 16.82
C ASP D 83 26.84 2.02 16.65
N LEU D 84 25.98 2.33 15.66
CA LEU D 84 24.78 1.53 15.48
C LEU D 84 24.92 0.61 14.27
N THR D 85 26.14 0.43 13.74
CA THR D 85 26.40 -0.60 12.75
C THR D 85 26.05 -1.99 13.28
N ASN D 86 25.47 -2.85 12.42
CA ASN D 86 25.18 -4.20 12.87
C ASN D 86 26.47 -4.97 13.20
N SER D 87 26.40 -5.72 14.30
CA SER D 87 27.43 -6.64 14.79
C SER D 87 26.83 -7.45 15.93
N ASN D 88 27.64 -8.40 16.43
CA ASN D 88 27.22 -9.20 17.56
C ASN D 88 27.20 -8.43 18.88
N VAL D 89 27.73 -7.19 18.90
CA VAL D 89 27.65 -6.39 20.11
C VAL D 89 26.64 -5.26 19.98
N LEU D 90 26.00 -5.14 18.81
CA LEU D 90 24.97 -4.12 18.66
C LEU D 90 23.88 -4.23 19.74
N PRO D 91 23.38 -5.41 20.16
CA PRO D 91 22.41 -5.48 21.25
C PRO D 91 22.88 -4.80 22.52
N ALA D 92 24.15 -5.01 22.87
CA ALA D 92 24.72 -4.38 24.06
C ALA D 92 24.78 -2.87 23.91
N SER D 93 25.16 -2.39 22.72
CA SER D 93 25.23 -0.96 22.50
C SER D 93 23.86 -0.31 22.66
N CYS D 94 22.83 -0.98 22.13
CA CYS D 94 21.50 -0.41 22.20
C CYS D 94 20.97 -0.43 23.63
N GLU D 95 21.27 -1.51 24.35
CA GLU D 95 20.86 -1.61 25.74
C GLU D 95 21.53 -0.47 26.53
N GLU D 96 22.78 -0.15 26.18
CA GLU D 96 23.52 0.90 26.86
C GLU D 96 22.90 2.28 26.60
N ILE D 97 22.42 2.51 25.37
CA ILE D 97 21.82 3.81 25.08
C ILE D 97 20.60 4.04 25.96
N ILE D 98 19.75 3.01 26.05
CA ILE D 98 18.58 3.13 26.90
C ILE D 98 19.00 3.28 28.36
N ASN D 99 20.01 2.50 28.79
CA ASN D 99 20.54 2.58 30.14
C ASN D 99 20.98 4.00 30.47
N SER D 100 21.59 4.67 29.49
CA SER D 100 22.11 6.02 29.69
CA SER D 100 22.11 6.01 29.71
C SER D 100 20.98 6.96 30.07
N CYS D 101 19.78 6.71 29.53
CA CYS D 101 18.64 7.56 29.82
C CYS D 101 18.18 7.33 31.26
N PHE D 102 18.12 6.06 31.67
CA PHE D 102 17.74 5.74 33.04
C PHE D 102 18.79 6.27 34.02
N ARG D 103 20.08 6.18 33.64
CA ARG D 103 21.19 6.61 34.48
CA ARG D 103 21.17 6.60 34.51
C ARG D 103 21.09 8.10 34.74
N ALA D 104 20.81 8.88 33.68
CA ALA D 104 20.72 10.33 33.77
C ALA D 104 19.43 10.79 34.45
N PHE D 105 18.29 10.21 34.06
CA PHE D 105 17.00 10.85 34.32
C PHE D 105 16.04 9.97 35.11
N GLY D 106 16.37 8.69 35.26
CA GLY D 106 15.57 7.78 36.08
C GLY D 106 14.33 7.22 35.38
N ARG D 107 14.20 7.51 34.08
CA ARG D 107 13.04 7.07 33.32
C ARG D 107 13.36 7.24 31.84
N CYS D 108 12.55 6.59 30.98
CA CYS D 108 12.70 6.78 29.55
C CYS D 108 11.30 6.66 28.95
N ASP D 109 10.75 7.80 28.50
CA ASP D 109 9.36 7.79 28.08
C ASP D 109 9.23 7.73 26.56
N VAL D 110 10.24 8.27 25.85
CA VAL D 110 10.17 8.41 24.41
C VAL D 110 11.49 7.96 23.78
N LEU D 111 11.37 7.19 22.69
CA LEU D 111 12.51 6.79 21.86
C LEU D 111 12.26 7.27 20.46
N VAL D 112 13.18 8.05 19.89
CA VAL D 112 13.10 8.47 18.49
C VAL D 112 14.27 7.83 17.74
N ASN D 113 13.93 6.89 16.84
CA ASN D 113 14.93 6.22 16.01
C ASN D 113 15.17 7.06 14.76
N ASN D 114 16.17 7.92 14.82
CA ASN D 114 16.45 8.90 13.77
C ASN D 114 17.76 8.59 13.04
N ALA D 115 18.78 8.05 13.74
CA ALA D 115 20.10 7.84 13.13
C ALA D 115 19.99 6.93 11.91
N SER D 116 20.78 7.23 10.87
CA SER D 116 20.60 6.56 9.61
C SER D 116 21.83 6.74 8.73
N ALA D 117 22.32 5.62 8.18
CA ALA D 117 23.28 5.63 7.11
C ALA D 117 22.53 5.69 5.78
N PHE D 118 23.09 6.43 4.82
CA PHE D 118 22.43 6.68 3.55
C PHE D 118 23.49 6.92 2.47
N TYR D 119 23.66 5.92 1.61
CA TYR D 119 24.58 6.00 0.50
C TYR D 119 24.25 4.89 -0.48
N PRO D 120 24.63 5.05 -1.76
CA PRO D 120 24.37 4.01 -2.74
C PRO D 120 25.18 2.74 -2.53
N THR D 121 24.54 1.63 -2.91
CA THR D 121 25.09 0.29 -2.88
C THR D 121 24.69 -0.40 -4.18
N PRO D 122 25.34 -0.11 -5.33
CA PRO D 122 24.92 -0.68 -6.62
C PRO D 122 24.98 -2.21 -6.61
N LEU D 123 24.03 -2.84 -7.31
CA LEU D 123 24.02 -4.29 -7.44
C LEU D 123 25.06 -4.77 -8.43
N VAL D 124 25.42 -3.92 -9.41
CA VAL D 124 26.32 -4.31 -10.49
C VAL D 124 27.48 -3.33 -10.52
N GLN D 125 28.71 -3.87 -10.59
CA GLN D 125 29.93 -3.09 -10.48
C GLN D 125 30.39 -2.64 -11.87
N GLY D 134 34.96 2.53 -1.13
CA GLY D 134 36.03 1.67 -0.59
C GLY D 134 35.49 0.63 0.40
N LYS D 135 34.19 0.70 0.68
CA LYS D 135 33.60 -0.17 1.70
C LYS D 135 33.25 -1.53 1.09
N THR D 136 33.50 -2.60 1.86
CA THR D 136 33.14 -3.96 1.46
C THR D 136 31.62 -4.11 1.53
N VAL D 137 31.10 -5.13 0.86
CA VAL D 137 29.66 -5.36 0.86
CA VAL D 137 29.67 -5.40 0.85
C VAL D 137 29.23 -5.73 2.28
N GLU D 138 30.10 -6.42 3.02
CA GLU D 138 29.83 -6.77 4.41
C GLU D 138 29.55 -5.49 5.22
N THR D 139 30.40 -4.47 5.03
CA THR D 139 30.28 -3.22 5.77
C THR D 139 29.00 -2.50 5.36
N GLN D 140 28.73 -2.49 4.05
CA GLN D 140 27.55 -1.82 3.49
CA GLN D 140 27.55 -1.80 3.52
C GLN D 140 26.28 -2.39 4.14
N VAL D 141 26.21 -3.72 4.19
CA VAL D 141 25.08 -4.40 4.82
C VAL D 141 24.99 -3.98 6.29
N ALA D 142 26.12 -4.11 7.01
CA ALA D 142 26.13 -3.85 8.43
C ALA D 142 25.67 -2.42 8.76
N GLU D 143 26.18 -1.44 8.01
CA GLU D 143 25.87 -0.04 8.24
C GLU D 143 24.42 0.29 7.89
N LEU D 144 24.00 -0.11 6.70
CA LEU D 144 22.71 0.34 6.19
C LEU D 144 21.57 -0.41 6.86
N ILE D 145 21.72 -1.72 7.00
CA ILE D 145 20.69 -2.51 7.67
C ILE D 145 20.79 -2.31 9.18
N GLY D 146 22.00 -2.14 9.72
CA GLY D 146 22.12 -1.94 11.16
C GLY D 146 21.46 -0.63 11.60
N THR D 147 21.87 0.50 10.99
CA THR D 147 21.37 1.78 11.48
C THR D 147 19.88 1.92 11.23
N ASN D 148 19.42 1.46 10.06
CA ASN D 148 18.08 1.83 9.64
C ASN D 148 17.02 0.87 10.18
N ALA D 149 17.45 -0.34 10.59
CA ALA D 149 16.48 -1.38 10.95
C ALA D 149 16.86 -2.12 12.23
N ILE D 150 18.07 -2.71 12.25
CA ILE D 150 18.37 -3.60 13.37
C ILE D 150 18.53 -2.82 14.68
N ALA D 151 19.24 -1.69 14.64
CA ALA D 151 19.40 -0.90 15.86
C ALA D 151 18.03 -0.41 16.33
N PRO D 152 17.13 0.14 15.47
CA PRO D 152 15.77 0.45 15.91
C PRO D 152 15.08 -0.71 16.60
N PHE D 153 15.25 -1.93 16.07
CA PHE D 153 14.61 -3.07 16.70
C PHE D 153 15.19 -3.31 18.10
N LEU D 154 16.53 -3.29 18.21
CA LEU D 154 17.15 -3.58 19.50
C LEU D 154 16.87 -2.49 20.53
N LEU D 155 16.86 -1.23 20.09
CA LEU D 155 16.50 -0.11 20.96
C LEU D 155 15.05 -0.25 21.44
N THR D 156 14.18 -0.71 20.53
CA THR D 156 12.78 -0.94 20.88
C THR D 156 12.68 -2.03 21.95
N MET D 157 13.43 -3.13 21.76
CA MET D 157 13.44 -4.21 22.74
CA MET D 157 13.50 -4.22 22.73
C MET D 157 13.93 -3.68 24.09
N SER D 158 15.06 -2.95 24.09
CA SER D 158 15.60 -2.48 25.36
C SER D 158 14.64 -1.48 26.02
N PHE D 159 14.01 -0.60 25.22
CA PHE D 159 13.09 0.38 25.75
C PHE D 159 11.91 -0.33 26.42
N ALA D 160 11.37 -1.34 25.75
CA ALA D 160 10.20 -2.05 26.27
C ALA D 160 10.57 -2.81 27.54
N GLN D 161 11.74 -3.45 27.53
CA GLN D 161 12.16 -4.31 28.63
CA GLN D 161 12.11 -4.31 28.64
C GLN D 161 12.36 -3.48 29.91
N ARG D 162 12.85 -2.25 29.73
CA ARG D 162 13.23 -1.42 30.87
C ARG D 162 12.02 -0.73 31.50
N GLN D 163 10.83 -0.86 30.88
CA GLN D 163 9.62 -0.19 31.36
C GLN D 163 9.07 -0.95 32.58
N SER D 173 2.68 6.67 32.25
CA SER D 173 2.53 7.98 31.56
C SER D 173 2.15 7.77 30.09
N ASN D 174 2.94 8.37 29.19
CA ASN D 174 2.61 8.44 27.77
C ASN D 174 3.84 7.96 27.00
N LEU D 175 3.98 6.64 26.92
CA LEU D 175 5.20 6.05 26.39
C LEU D 175 5.05 5.90 24.88
N SER D 176 6.07 6.33 24.12
CA SER D 176 5.95 6.04 22.70
C SER D 176 7.29 6.03 21.99
N ILE D 177 7.27 5.42 20.80
CA ILE D 177 8.44 5.30 19.94
C ILE D 177 8.08 5.94 18.61
N VAL D 178 9.00 6.73 18.05
CA VAL D 178 8.79 7.28 16.73
C VAL D 178 9.99 6.90 15.86
N ASN D 179 9.70 6.28 14.71
CA ASN D 179 10.71 5.83 13.77
C ASN D 179 10.77 6.77 12.57
N LEU D 180 11.98 7.23 12.21
CA LEU D 180 12.12 8.09 11.05
C LEU D 180 12.22 7.22 9.81
N CYS D 181 11.13 7.25 9.03
CA CYS D 181 10.95 6.41 7.86
C CYS D 181 11.35 7.20 6.62
N ASP D 182 10.79 6.85 5.45
CA ASP D 182 11.13 7.54 4.21
C ASP D 182 9.90 7.48 3.30
N ALA D 183 9.37 8.64 2.89
CA ALA D 183 8.16 8.65 2.08
C ALA D 183 8.34 8.06 0.67
N MET D 184 9.60 7.91 0.24
CA MET D 184 9.91 7.59 -1.15
C MET D 184 10.34 6.14 -1.35
N VAL D 185 10.10 5.29 -0.35
CA VAL D 185 10.67 3.94 -0.42
C VAL D 185 9.94 3.06 -1.44
N ASP D 186 8.78 3.48 -1.95
CA ASP D 186 8.17 2.69 -3.00
C ASP D 186 8.49 3.28 -4.37
N GLN D 187 9.26 4.36 -4.40
CA GLN D 187 9.75 4.92 -5.66
C GLN D 187 11.22 5.26 -5.45
N PRO D 188 12.05 4.22 -5.25
CA PRO D 188 13.39 4.43 -4.68
C PRO D 188 14.37 5.08 -5.64
N CYS D 189 15.39 5.72 -5.05
CA CYS D 189 16.51 6.19 -5.85
C CYS D 189 17.29 5.00 -6.38
N MET D 190 17.78 5.14 -7.62
CA MET D 190 18.55 4.13 -8.30
C MET D 190 19.78 3.79 -7.45
N ALA D 191 20.02 2.49 -7.25
CA ALA D 191 21.23 1.93 -6.64
C ALA D 191 21.27 2.10 -5.13
N PHE D 192 20.10 2.36 -4.51
CA PHE D 192 19.99 2.44 -3.06
C PHE D 192 19.30 1.21 -2.49
N SER D 193 19.62 0.00 -2.96
CA SER D 193 18.84 -1.15 -2.50
CA SER D 193 18.90 -1.20 -2.53
C SER D 193 18.97 -1.41 -1.01
N LEU D 194 20.19 -1.36 -0.44
CA LEU D 194 20.31 -1.71 0.97
C LEU D 194 19.62 -0.67 1.86
N TYR D 195 19.77 0.60 1.53
CA TYR D 195 19.07 1.65 2.26
C TYR D 195 17.55 1.39 2.21
N ASN D 196 17.03 1.07 1.03
CA ASN D 196 15.60 0.89 0.85
CA ASN D 196 15.59 0.91 0.88
C ASN D 196 15.13 -0.31 1.66
N MET D 197 15.93 -1.39 1.61
CA MET D 197 15.63 -2.58 2.41
C MET D 197 15.54 -2.21 3.88
N GLY D 198 16.50 -1.41 4.35
CA GLY D 198 16.51 -0.98 5.74
C GLY D 198 15.25 -0.21 6.10
N LYS D 199 14.89 0.77 5.27
CA LYS D 199 13.72 1.59 5.58
C LYS D 199 12.42 0.78 5.45
N HIS D 200 12.34 -0.17 4.51
CA HIS D 200 11.14 -1.00 4.47
C HIS D 200 11.09 -1.85 5.74
N ALA D 201 12.26 -2.40 6.17
CA ALA D 201 12.24 -3.17 7.42
C ALA D 201 11.73 -2.32 8.59
N LEU D 202 12.06 -1.03 8.57
CA LEU D 202 11.67 -0.12 9.63
C LEU D 202 10.14 0.06 9.65
N VAL D 203 9.49 0.01 8.49
CA VAL D 203 8.02 0.02 8.44
C VAL D 203 7.51 -1.25 9.09
N GLY D 204 8.10 -2.41 8.75
CA GLY D 204 7.67 -3.65 9.38
C GLY D 204 7.82 -3.60 10.89
N LEU D 205 8.92 -3.05 11.39
CA LEU D 205 9.14 -2.92 12.82
C LEU D 205 8.06 -2.05 13.44
N THR D 206 7.78 -0.91 12.79
CA THR D 206 6.79 0.01 13.31
C THR D 206 5.47 -0.72 13.52
N GLN D 207 5.04 -1.49 12.50
CA GLN D 207 3.78 -2.22 12.60
C GLN D 207 3.86 -3.32 13.64
N SER D 208 4.90 -4.17 13.59
CA SER D 208 4.98 -5.33 14.49
C SER D 208 5.10 -4.88 15.94
N ALA D 209 5.93 -3.87 16.18
CA ALA D 209 6.09 -3.37 17.53
C ALA D 209 4.84 -2.64 18.03
N ALA D 210 4.11 -1.94 17.16
CA ALA D 210 2.86 -1.32 17.58
C ALA D 210 1.91 -2.42 18.08
N LEU D 211 1.80 -3.51 17.31
CA LEU D 211 0.87 -4.57 17.71
C LEU D 211 1.28 -5.18 19.04
N GLU D 212 2.57 -5.47 19.18
CA GLU D 212 3.06 -6.23 20.33
C GLU D 212 3.14 -5.39 21.61
N LEU D 213 3.40 -4.08 21.47
CA LEU D 213 3.62 -3.23 22.63
C LEU D 213 2.34 -2.51 23.08
N ALA D 214 1.29 -2.53 22.26
CA ALA D 214 0.02 -1.90 22.59
C ALA D 214 -0.53 -2.35 23.95
N PRO D 215 -0.50 -3.66 24.31
CA PRO D 215 -0.98 -4.09 25.64
C PRO D 215 -0.18 -3.49 26.79
N TYR D 216 1.01 -2.94 26.50
CA TYR D 216 1.81 -2.33 27.54
C TYR D 216 1.66 -0.81 27.53
N GLY D 217 0.76 -0.29 26.66
CA GLY D 217 0.50 1.13 26.55
C GLY D 217 1.61 1.90 25.82
N ILE D 218 2.51 1.18 25.11
CA ILE D 218 3.55 1.85 24.32
C ILE D 218 3.05 1.95 22.88
N ARG D 219 2.98 3.19 22.39
CA ARG D 219 2.59 3.43 21.01
C ARG D 219 3.84 3.44 20.16
N VAL D 220 3.70 3.01 18.91
CA VAL D 220 4.84 2.98 17.99
C VAL D 220 4.39 3.54 16.64
N ASN D 221 5.05 4.61 16.18
CA ASN D 221 4.58 5.29 14.98
C ASN D 221 5.82 5.72 14.20
N GLY D 222 5.58 6.22 12.99
CA GLY D 222 6.68 6.73 12.20
C GLY D 222 6.36 8.08 11.58
N VAL D 223 7.43 8.76 11.17
CA VAL D 223 7.34 9.99 10.40
C VAL D 223 8.19 9.76 9.16
N ALA D 224 7.61 10.01 7.97
CA ALA D 224 8.28 9.71 6.72
C ALA D 224 8.53 10.99 5.93
N PRO D 225 9.74 11.59 6.04
CA PRO D 225 10.05 12.75 5.21
C PRO D 225 10.17 12.31 3.77
N GLY D 226 10.00 13.29 2.87
CA GLY D 226 10.35 13.12 1.48
C GLY D 226 11.74 13.67 1.23
N VAL D 227 11.82 14.92 0.78
CA VAL D 227 13.10 15.57 0.85
C VAL D 227 13.04 16.64 1.92
N SER D 228 13.98 16.52 2.85
CA SER D 228 14.14 17.50 3.90
C SER D 228 15.55 18.03 3.73
N LEU D 229 16.32 18.13 4.81
CA LEU D 229 17.65 18.68 4.67
C LEU D 229 18.45 17.85 3.67
N LEU D 230 18.92 18.52 2.60
CA LEU D 230 19.60 17.82 1.53
C LEU D 230 21.03 17.48 1.94
N PRO D 231 21.68 16.50 1.27
CA PRO D 231 22.99 16.03 1.69
C PRO D 231 24.00 17.17 1.66
N VAL D 232 24.94 17.14 2.63
CA VAL D 232 25.88 18.22 2.84
C VAL D 232 26.76 18.40 1.60
N ALA D 233 26.99 17.30 0.87
CA ALA D 233 27.93 17.27 -0.25
C ALA D 233 27.30 17.81 -1.53
N MET D 234 25.97 17.98 -1.51
CA MET D 234 25.21 18.27 -2.72
C MET D 234 25.37 19.74 -3.10
N GLY D 235 25.68 20.00 -4.38
CA GLY D 235 25.85 21.35 -4.87
C GLY D 235 24.50 22.05 -5.11
N GLU D 236 24.55 23.36 -5.37
CA GLU D 236 23.35 24.17 -5.45
C GLU D 236 22.45 23.70 -6.58
N GLU D 237 23.03 23.32 -7.74
CA GLU D 237 22.23 23.00 -8.92
C GLU D 237 21.41 21.75 -8.65
N GLU D 238 22.07 20.76 -8.08
CA GLU D 238 21.44 19.48 -7.75
C GLU D 238 20.37 19.68 -6.68
N LYS D 239 20.66 20.49 -5.65
CA LYS D 239 19.67 20.76 -4.61
C LYS D 239 18.42 21.38 -5.23
N ASP D 240 18.61 22.31 -6.19
CA ASP D 240 17.47 22.96 -6.80
C ASP D 240 16.67 21.97 -7.65
N LYS D 241 17.37 20.99 -8.27
CA LYS D 241 16.69 19.96 -9.05
C LYS D 241 15.66 19.22 -8.18
N TRP D 242 16.08 18.86 -6.96
CA TRP D 242 15.19 18.14 -6.06
C TRP D 242 14.09 19.04 -5.51
N ARG D 243 14.44 20.27 -5.16
CA ARG D 243 13.43 21.19 -4.66
C ARG D 243 12.29 21.34 -5.68
N ARG D 244 12.64 21.40 -6.97
CA ARG D 244 11.67 21.70 -8.01
C ARG D 244 10.67 20.57 -8.19
N LYS D 245 10.94 19.42 -7.58
CA LYS D 245 10.04 18.27 -7.74
C LYS D 245 8.88 18.35 -6.76
N VAL D 246 8.97 19.18 -5.71
CA VAL D 246 8.01 19.09 -4.62
C VAL D 246 6.79 19.96 -4.93
N PRO D 247 5.57 19.39 -5.05
CA PRO D 247 4.38 20.18 -5.40
C PRO D 247 4.07 21.34 -4.46
N LEU D 248 4.22 21.09 -3.15
CA LEU D 248 3.85 22.08 -2.15
C LEU D 248 5.04 22.98 -1.88
N GLY D 249 5.20 24.00 -2.70
CA GLY D 249 6.16 25.06 -2.38
C GLY D 249 7.49 24.93 -3.11
N ARG D 250 7.71 23.83 -3.84
CA ARG D 250 8.94 23.60 -4.57
C ARG D 250 10.17 23.84 -3.67
N ARG D 251 10.10 23.28 -2.46
CA ARG D 251 11.17 23.39 -1.50
C ARG D 251 11.17 22.13 -0.64
N GLU D 252 12.30 21.86 -0.01
CA GLU D 252 12.42 20.77 0.94
C GLU D 252 11.77 21.14 2.27
N ALA D 253 11.43 20.12 3.07
CA ALA D 253 10.98 20.34 4.44
C ALA D 253 12.12 20.90 5.26
N SER D 254 11.78 21.83 6.14
CA SER D 254 12.74 22.18 7.17
C SER D 254 12.84 21.04 8.18
N ALA D 255 13.92 21.04 8.96
CA ALA D 255 14.04 20.03 9.99
C ALA D 255 12.94 20.23 11.03
N GLU D 256 12.54 21.49 11.25
CA GLU D 256 11.53 21.79 12.26
C GLU D 256 10.17 21.23 11.84
N GLN D 257 9.87 21.25 10.54
CA GLN D 257 8.63 20.69 10.01
C GLN D 257 8.55 19.20 10.30
N ILE D 258 9.66 18.51 10.14
CA ILE D 258 9.73 17.08 10.44
C ILE D 258 9.52 16.89 11.93
N ALA D 259 10.21 17.72 12.74
CA ALA D 259 10.10 17.63 14.19
C ALA D 259 8.67 17.87 14.68
N ASP D 260 7.93 18.76 14.01
CA ASP D 260 6.56 19.06 14.38
C ASP D 260 5.69 17.79 14.34
N ALA D 261 5.94 16.91 13.36
CA ALA D 261 5.17 15.68 13.26
C ALA D 261 5.57 14.69 14.36
N VAL D 262 6.87 14.64 14.70
CA VAL D 262 7.29 13.82 15.82
C VAL D 262 6.62 14.30 17.11
N ILE D 263 6.61 15.63 17.34
CA ILE D 263 5.99 16.21 18.52
C ILE D 263 4.51 15.81 18.61
N PHE D 264 3.77 15.88 17.49
CA PHE D 264 2.38 15.48 17.52
C PHE D 264 2.25 14.02 17.98
N LEU D 265 3.07 13.14 17.39
CA LEU D 265 2.96 11.71 17.65
C LEU D 265 3.26 11.35 19.10
N VAL D 266 4.13 12.11 19.78
CA VAL D 266 4.41 11.75 21.17
C VAL D 266 3.41 12.41 22.13
N SER D 267 2.60 13.36 21.62
CA SER D 267 1.73 14.20 22.44
C SER D 267 0.48 13.48 22.88
N GLY D 268 -0.24 14.16 23.80
CA GLY D 268 -1.54 13.69 24.24
C GLY D 268 -2.60 13.74 23.14
N SER D 269 -2.31 14.43 22.02
CA SER D 269 -3.25 14.56 20.91
C SER D 269 -3.18 13.35 19.98
N ALA D 270 -2.32 12.38 20.31
CA ALA D 270 -2.14 11.21 19.47
C ALA D 270 -2.30 9.91 20.26
N GLN D 271 -3.06 9.95 21.36
CA GLN D 271 -3.08 8.84 22.30
C GLN D 271 -3.76 7.58 21.74
N TYR D 272 -4.50 7.69 20.63
CA TYR D 272 -5.10 6.49 20.05
C TYR D 272 -4.35 6.09 18.80
N ILE D 273 -3.26 6.80 18.47
CA ILE D 273 -2.53 6.52 17.23
C ILE D 273 -1.37 5.57 17.52
N THR D 274 -1.40 4.39 16.87
CA THR D 274 -0.25 3.48 16.94
C THR D 274 -0.21 2.70 15.64
N GLY D 275 1.02 2.48 15.16
CA GLY D 275 1.22 1.74 13.93
C GLY D 275 1.02 2.62 12.70
N SER D 276 0.93 3.94 12.89
CA SER D 276 0.74 4.88 11.80
C SER D 276 2.06 5.47 11.37
N ILE D 277 2.19 5.72 10.07
CA ILE D 277 3.32 6.45 9.53
C ILE D 277 2.80 7.71 8.85
N ILE D 278 3.19 8.88 9.36
CA ILE D 278 2.75 10.16 8.81
C ILE D 278 3.78 10.60 7.78
N LYS D 279 3.36 10.68 6.51
CA LYS D 279 4.22 11.28 5.49
C LYS D 279 4.28 12.79 5.66
N VAL D 280 5.51 13.32 5.59
CA VAL D 280 5.72 14.77 5.66
C VAL D 280 6.57 15.12 4.44
N ASP D 281 5.91 15.18 3.27
CA ASP D 281 6.66 15.17 2.01
C ASP D 281 6.19 16.22 1.00
N GLY D 282 5.26 17.11 1.38
CA GLY D 282 4.91 18.18 0.45
C GLY D 282 4.30 17.65 -0.84
N GLY D 283 3.84 16.38 -0.82
CA GLY D 283 3.26 15.80 -2.03
C GLY D 283 4.27 15.08 -2.94
N LEU D 284 5.56 15.04 -2.56
CA LEU D 284 6.57 14.47 -3.46
C LEU D 284 6.23 13.06 -3.93
N SER D 285 5.74 12.20 -3.01
CA SER D 285 5.49 10.81 -3.36
C SER D 285 4.31 10.66 -4.33
N LEU D 286 3.55 11.74 -4.54
CA LEU D 286 2.40 11.67 -5.44
C LEU D 286 2.78 11.97 -6.89
N VAL D 287 4.02 12.39 -7.13
CA VAL D 287 4.47 12.89 -8.43
C VAL D 287 5.01 11.74 -9.29
N HIS D 288 4.35 11.49 -10.43
CA HIS D 288 4.82 10.44 -11.33
C HIS D 288 6.09 10.85 -12.07
N ALA D 289 6.74 9.84 -12.68
CA ALA D 289 7.97 10.00 -13.46
C ALA D 289 7.81 11.06 -14.54
PA NDP E . -10.11 2.67 -23.99
O1A NDP E . -9.75 2.29 -25.40
O2A NDP E . -9.90 4.07 -23.54
O5B NDP E . -11.63 2.32 -23.72
C5B NDP E . -12.14 0.99 -23.92
C4B NDP E . -13.60 1.10 -24.30
O4B NDP E . -14.36 1.69 -23.22
C3B NDP E . -13.94 2.05 -25.45
O3B NDP E . -13.69 1.46 -26.73
C2B NDP E . -15.44 2.29 -25.24
O2B NDP E . -16.29 1.48 -26.06
C1B NDP E . -15.63 1.91 -23.77
N9A NDP E . -16.37 2.95 -23.05
C8A NDP E . -15.99 4.24 -22.82
N7A NDP E . -16.94 4.98 -22.30
C5A NDP E . -18.03 4.11 -22.22
C6A NDP E . -19.36 4.28 -21.78
N6A NDP E . -19.86 5.43 -21.33
N1A NDP E . -20.17 3.21 -21.83
C2A NDP E . -19.70 2.04 -22.29
N3A NDP E . -18.47 1.76 -22.73
C4A NDP E . -17.69 2.85 -22.69
O3 NDP E . -9.36 1.64 -23.04
PN NDP E . -7.92 0.96 -23.21
O1N NDP E . -6.90 2.01 -23.48
O2N NDP E . -8.01 -0.19 -24.15
O5D NDP E . -7.69 0.42 -21.71
C5D NDP E . -8.40 -0.76 -21.29
C4D NDP E . -8.50 -0.74 -19.79
O4D NDP E . -7.17 -0.68 -19.21
C3D NDP E . -9.29 0.45 -19.21
O3D NDP E . -10.00 0.03 -18.05
C2D NDP E . -8.17 1.39 -18.78
O2D NDP E . -8.47 2.38 -17.81
C1D NDP E . -7.07 0.41 -18.33
N1N NDP E . -5.75 1.03 -18.51
C2N NDP E . -5.28 1.32 -19.77
C3N NDP E . -4.09 1.94 -19.93
C7N NDP E . -3.53 2.27 -21.26
O7N NDP E . -2.35 2.64 -21.31
N7N NDP E . -4.29 2.18 -22.36
C4N NDP E . -3.31 2.37 -18.76
C5N NDP E . -3.89 2.03 -17.45
C6N NDP E . -5.05 1.41 -17.37
P2B NDP E . -16.76 2.02 -27.52
O1X NDP E . -17.56 0.85 -28.07
O2X NDP E . -17.57 3.28 -27.31
O3X NDP E . -15.53 2.29 -28.31
NAI A1H0T F . -5.44 5.07 -20.30
CAF A1H0T F . -4.26 5.38 -19.74
CAE A1H0T F . -3.09 5.72 -20.27
CLAH A1H0T F . -2.93 5.78 -22.06
CAD A1H0T F . -2.00 5.99 -19.46
CAA A1H0T F . -2.12 5.91 -18.08
CLAB A1H0T F . -0.72 6.26 -17.03
CAG A1H0T F . -3.37 5.56 -17.55
CAC A1H0T F . -4.39 5.31 -18.39
NAK A1H0T F . -5.65 4.95 -18.11
CAJ A1H0T F . -6.28 4.82 -19.28
NAL A1H0T F . -7.56 4.49 -19.38
CAM A1H0T F . -8.30 4.42 -20.48
NAO A1H0T F . -9.59 4.06 -20.39
NAN A1H0T F . -7.75 4.68 -21.71
C ACT G . -7.95 -2.81 -32.41
O ACT G . -7.36 -3.88 -32.13
OXT ACT G . -7.86 -1.74 -31.77
CH3 ACT G . -8.80 -2.81 -33.70
C ACT H . -27.26 7.50 -8.89
O ACT H . -27.68 6.34 -9.12
OXT ACT H . -26.00 7.71 -8.56
CH3 ACT H . -28.20 8.71 -8.99
PA NDP I . 10.05 -23.46 5.10
O1A NDP I . 9.76 -24.88 4.82
O2A NDP I . 9.74 -22.94 6.45
O5B NDP I . 11.58 -23.11 4.81
C5B NDP I . 12.12 -23.26 3.48
C4B NDP I . 13.56 -23.68 3.62
O4B NDP I . 14.33 -22.55 4.13
C3B NDP I . 13.87 -24.78 4.64
O3B NDP I . 13.59 -26.07 4.10
C2B NDP I . 15.34 -24.54 4.96
O2B NDP I . 16.27 -25.43 4.35
C1B NDP I . 15.58 -23.10 4.45
N9A NDP I . 16.26 -22.32 5.47
C8A NDP I . 15.84 -21.99 6.73
N7A NDP I . 16.76 -21.41 7.45
C5A NDP I . 17.88 -21.39 6.61
C6A NDP I . 19.20 -20.93 6.79
N6A NDP I . 19.63 -20.35 7.90
N1A NDP I . 20.07 -21.09 5.76
C2A NDP I . 19.62 -21.65 4.63
N3A NDP I . 18.40 -22.11 4.34
C4A NDP I . 17.58 -21.97 5.40
O3 NDP I . 9.27 -22.58 4.00
PN NDP I . 7.86 -22.83 3.27
O1N NDP I . 6.83 -23.00 4.32
O2N NDP I . 8.04 -23.87 2.24
O5D NDP I . 7.63 -21.39 2.57
C5D NDP I . 8.36 -21.05 1.36
C4D NDP I . 8.46 -19.54 1.28
O4D NDP I . 7.13 -18.96 1.29
C3D NDP I . 9.23 -18.86 2.42
O3D NDP I . 9.97 -17.76 1.93
C2D NDP I . 8.11 -18.37 3.32
O2D NDP I . 8.36 -17.24 4.15
C1D NDP I . 7.01 -18.02 2.32
N1N NDP I . 5.67 -18.15 2.95
C2N NDP I . 5.19 -19.38 3.34
C3N NDP I . 3.97 -19.51 3.97
C7N NDP I . 3.41 -20.82 4.35
O7N NDP I . 2.25 -20.85 4.76
N7N NDP I . 4.16 -21.92 4.30
C4N NDP I . 3.19 -18.28 4.23
C5N NDP I . 3.81 -17.02 3.82
C6N NDP I . 4.97 -17.00 3.20
P2B NDP I . 16.63 -26.87 5.06
O1X NDP I . 15.36 -27.62 5.37
O2X NDP I . 17.45 -27.51 3.99
O3X NDP I . 17.42 -26.53 6.31
NAI A1H0T J . 5.36 -19.70 7.08
CAF A1H0T J . 4.16 -19.17 7.35
CAE A1H0T J . 3.01 -19.74 7.73
CLAH A1H0T J . 3.00 -21.50 7.96
CAD A1H0T J . 1.87 -18.94 7.96
CAA A1H0T J . 1.96 -17.56 7.76
CLAB A1H0T J . 0.58 -16.42 8.02
CAG A1H0T J . 3.19 -17.03 7.36
CAC A1H0T J . 4.24 -17.83 7.16
NAK A1H0T J . 5.49 -17.53 6.77
CAJ A1H0T J . 6.16 -18.67 6.72
NAL A1H0T J . 7.46 -18.70 6.38
CAM A1H0T J . 8.27 -19.75 6.46
NAO A1H0T J . 9.57 -19.65 6.14
NAN A1H0T J . 7.78 -20.97 6.79
PA NDP K . -22.18 9.05 10.94
O1A NDP K . -22.67 9.49 12.28
O2A NDP K . -22.53 7.71 10.44
O5B NDP K . -22.65 10.08 9.80
C5B NDP K . -22.27 11.47 9.94
C4B NDP K . -23.36 12.31 9.32
O4B NDP K . -23.41 12.04 7.90
C3B NDP K . -24.79 11.97 9.75
O3B NDP K . -25.07 12.54 11.03
C2B NDP K . -25.62 12.54 8.60
O2B NDP K . -26.23 13.83 8.84
C1B NDP K . -24.60 12.64 7.45
N9A NDP K . -25.12 12.04 6.24
C8A NDP K . -25.52 10.74 6.04
N7A NDP K . -26.13 10.56 4.89
C5A NDP K . -26.16 11.83 4.33
C6A NDP K . -26.68 12.32 3.10
N6A NDP K . -27.30 11.56 2.23
N1A NDP K . -26.55 13.64 2.86
C2A NDP K . -25.92 14.41 3.75
N3A NDP K . -25.37 14.06 4.92
C4A NDP K . -25.56 12.75 5.17
O3 NDP K . -20.59 9.28 10.94
PN NDP K . -19.55 9.05 12.14
O1N NDP K . -19.74 7.70 12.72
O2N NDP K . -19.58 10.26 12.99
O5D NDP K . -18.16 9.04 11.32
C5D NDP K . -17.65 10.30 10.81
C4D NDP K . -16.78 10.00 9.61
O4D NDP K . -15.72 9.08 10.00
C3D NDP K . -17.50 9.33 8.42
O3D NDP K . -16.91 9.79 7.23
C2D NDP K . -17.11 7.86 8.56
O2D NDP K . -17.17 7.05 7.39
C1D NDP K . -15.70 7.96 9.15
N1N NDP K . -15.43 6.77 9.99
C2N NDP K . -16.15 6.54 11.14
C3N NDP K . -15.94 5.41 11.90
C7N NDP K . -16.64 5.15 13.16
O7N NDP K . -16.23 4.22 13.86
N7N NDP K . -17.70 5.87 13.51
C4N NDP K . -14.97 4.40 11.45
C5N NDP K . -14.32 4.70 10.19
C6N NDP K . -14.52 5.83 9.54
P2B NDP K . -27.66 13.96 9.58
O1X NDP K . -27.81 15.45 9.76
O2X NDP K . -28.71 13.38 8.69
O3X NDP K . -27.59 13.23 10.90
NAI A1H0T L . -18.64 3.73 10.62
CAF A1H0T L . -17.81 2.71 10.88
CAE A1H0T L . -17.68 1.92 11.95
CLAH A1H0T L . -18.76 2.11 13.35
CAD A1H0T L . -16.74 0.91 11.98
CAA A1H0T L . -15.89 0.75 10.89
CLAB A1H0T L . -14.68 -0.54 10.93
CAG A1H0T L . -16.02 1.59 9.80
CAC A1H0T L . -16.97 2.54 9.82
NAK A1H0T L . -17.27 3.47 8.90
CAJ A1H0T L . -18.28 4.19 9.39
NAL A1H0T L . -18.86 5.19 8.74
CAM A1H0T L . -19.92 5.90 9.11
NAO A1H0T L . -20.52 5.66 10.31
NAN A1H0T L . -20.46 6.83 8.28
C ACT M . -28.13 29.96 9.47
C ACT M . -26.19 31.18 6.03
O ACT M . -29.06 29.27 8.92
O ACT M . -26.46 31.39 4.79
OXT ACT M . -27.41 29.54 10.40
OXT ACT M . -25.15 31.61 6.60
CH3 ACT M . -27.92 31.38 8.97
CH3 ACT M . -27.18 30.42 6.88
PA NDP N . 21.66 12.18 8.54
O1A NDP N . 22.13 13.57 8.81
O2A NDP N . 21.99 11.54 7.24
O5B NDP N . 22.11 11.20 9.73
C5B NDP N . 21.73 11.48 11.09
C4B NDP N . 22.78 10.91 12.02
O4B NDP N . 22.86 9.49 11.87
C3B NDP N . 24.23 11.32 11.70
O3B NDP N . 24.51 12.64 12.16
C2B NDP N . 25.04 10.22 12.39
O2B NDP N . 25.56 10.57 13.68
C1B NDP N . 24.00 9.08 12.56
N9A NDP N . 24.54 7.82 12.08
C8A NDP N . 24.93 7.48 10.80
N7A NDP N . 25.55 6.32 10.76
C5A NDP N . 25.60 5.88 12.07
C6A NDP N . 26.13 4.74 12.70
N6A NDP N . 26.76 3.75 12.06
N1A NDP N . 26.00 4.64 14.05
C2A NDP N . 25.36 5.61 14.70
N3A NDP N . 24.81 6.73 14.23
C4A NDP N . 24.98 6.80 12.90
O3 NDP N . 20.07 12.19 8.78
PN NDP N . 19.03 13.33 8.40
O1N NDP N . 19.23 13.76 6.98
O2N NDP N . 18.97 14.37 9.48
O5D NDP N . 17.67 12.46 8.39
C5D NDP N . 17.08 12.07 9.65
C4D NDP N . 16.24 10.83 9.45
O4D NDP N . 15.19 11.12 8.48
C3D NDP N . 16.97 9.59 8.92
O3D NDP N . 16.41 8.38 9.44
C2D NDP N . 16.68 9.67 7.43
O2D NDP N . 16.72 8.43 6.74
C1D NDP N . 15.25 10.20 7.42
N1N NDP N . 15.01 10.92 6.14
C2N NDP N . 15.72 12.07 5.84
C3N NDP N . 15.51 12.73 4.65
C7N NDP N . 16.20 13.99 4.32
O7N NDP N . 15.82 14.60 3.32
N7N NDP N . 17.20 14.41 5.09
C4N NDP N . 14.58 12.15 3.64
C5N NDP N . 13.92 10.92 4.05
C6N NDP N . 14.13 10.37 5.23
P2B NDP N . 27.03 11.28 13.80
O1X NDP N . 27.00 12.50 12.90
O2X NDP N . 27.14 11.58 15.27
O3X NDP N . 28.04 10.26 13.34
NAI A1H0T O . 18.24 11.33 3.16
CAF A1H0T O . 17.45 11.47 2.09
CAE A1H0T O . 17.33 12.46 1.19
CLAH A1H0T O . 18.39 13.85 1.33
CAD A1H0T O . 16.40 12.39 0.17
CAA A1H0T O . 15.58 11.26 0.09
CLAB A1H0T O . 14.34 11.09 -1.18
CAG A1H0T O . 15.71 10.27 1.05
CAC A1H0T O . 16.64 10.40 2.02
NAK A1H0T O . 16.93 9.60 3.04
CAJ A1H0T O . 17.91 10.14 3.73
NAL A1H0T O . 18.45 9.56 4.81
CAM A1H0T O . 19.48 10.01 5.54
NAO A1H0T O . 20.08 11.17 5.20
NAN A1H0T O . 19.97 9.30 6.57
#